data_1O4Z
#
_entry.id   1O4Z
#
_cell.length_a   72.448
_cell.length_b   105.350
_cell.length_c   97.369
_cell.angle_alpha   90.00
_cell.angle_beta   94.13
_cell.angle_gamma   90.00
#
_symmetry.space_group_name_H-M   'P 1 21 1'
#
loop_
_entity.id
_entity.type
_entity.pdbx_description
1 polymer 'beta-agarase B'
2 non-polymer 'SODIUM ION'
3 non-polymer '4-(2-HYDROXYETHYL)-1-PIPERAZINE ETHANESULFONIC ACID'
4 non-polymer 'MAGNESIUM ION'
5 water water
#
_entity_poly.entity_id   1
_entity_poly.type   'polypeptide(L)'
_entity_poly.pdbx_seq_one_letter_code
;MDIGDNSKFDSATDLPVEQEQEQETEQEGEPEESSEQDLVEEVDWKDIPVPADAGPNMKWEFQEISDNFEYEAPADNKGS
EFLEKWDDFYHNAWAGPGLTEWKRDRSYVADGELKMWATRKPGSDKINMGCITSKTRVVYPVYIEARAKVMNSTLASDVW
LLSADDTQEIDILEAYGADYSESAGKDHSYFSKKVHISHHVFIRDPFQDYQPKDAGSWFEDGTVWNKEFHRFGVYWRDPW
HLEYYIDGVLVRTVSGKDIIDPKHFTNTTDPGNTEIDTRTGLNKEMDIIINTEDQTWRSSPASGLQSNTYTPTDNELSNI
ENNTFGVDWIRIYKPVEKLEHHHHHH
;
_entity_poly.pdbx_strand_id   A,B,C,D
#
loop_
_chem_comp.id
_chem_comp.type
_chem_comp.name
_chem_comp.formula
EPE non-polymer '4-(2-HYDROXYETHYL)-1-PIPERAZINE ETHANESULFONIC ACID' 'C8 H18 N2 O4 S'
MG non-polymer 'MAGNESIUM ION' 'Mg 2'
NA non-polymer 'SODIUM ION' 'Na 1'
#
# COMPACT_ATOMS: atom_id res chain seq x y z
N ASP A 44 -10.89 25.82 -9.35
CA ASP A 44 -10.38 24.62 -8.67
C ASP A 44 -10.90 23.38 -9.41
N TRP A 45 -10.08 22.33 -9.53
CA TRP A 45 -10.49 21.14 -10.29
C TRP A 45 -11.83 20.53 -9.85
N LYS A 46 -12.18 20.66 -8.58
CA LYS A 46 -13.48 20.20 -8.08
C LYS A 46 -14.64 21.19 -8.34
N ASP A 47 -14.34 22.44 -8.66
CA ASP A 47 -15.39 23.39 -9.08
C ASP A 47 -15.92 23.14 -10.51
N ILE A 48 -15.20 22.36 -11.31
CA ILE A 48 -15.58 22.22 -12.71
C ILE A 48 -16.79 21.30 -12.82
N PRO A 49 -17.87 21.74 -13.44
CA PRO A 49 -19.06 20.90 -13.56
C PRO A 49 -18.72 19.60 -14.25
N VAL A 50 -19.35 18.50 -13.87
CA VAL A 50 -19.26 17.31 -14.72
C VAL A 50 -20.36 17.42 -15.77
N PRO A 51 -20.00 17.19 -17.03
CA PRO A 51 -20.90 17.47 -18.15
C PRO A 51 -21.90 16.37 -18.43
N ALA A 52 -21.67 15.16 -17.91
CA ALA A 52 -22.62 14.06 -18.05
C ALA A 52 -23.77 14.20 -17.05
N ASP A 53 -24.87 13.49 -17.32
CA ASP A 53 -26.14 13.65 -16.62
C ASP A 53 -26.22 12.52 -15.57
N ALA A 54 -26.15 12.88 -14.28
CA ALA A 54 -26.19 11.91 -13.17
C ALA A 54 -27.52 11.15 -13.04
N GLY A 55 -28.59 11.72 -13.58
CA GLY A 55 -29.90 11.10 -13.54
C GLY A 55 -30.84 11.85 -12.62
N PRO A 56 -32.07 11.36 -12.54
CA PRO A 56 -33.13 12.10 -11.83
C PRO A 56 -32.91 12.01 -10.32
N ASN A 57 -32.95 13.16 -9.66
CA ASN A 57 -32.61 13.28 -8.24
C ASN A 57 -31.25 12.70 -7.87
N MET A 58 -30.28 12.83 -8.78
CA MET A 58 -28.91 12.38 -8.54
C MET A 58 -27.92 13.55 -8.62
N LYS A 59 -26.79 13.39 -7.95
CA LYS A 59 -25.67 14.31 -8.06
C LYS A 59 -24.37 13.51 -8.22
N TRP A 60 -23.32 14.21 -8.63
CA TRP A 60 -22.02 13.62 -8.81
C TRP A 60 -21.18 13.72 -7.54
N GLU A 61 -20.70 12.59 -7.06
CA GLU A 61 -19.89 12.51 -5.85
C GLU A 61 -18.43 12.28 -6.20
N PHE A 62 -17.59 13.25 -5.85
CA PHE A 62 -16.15 13.14 -6.00
C PHE A 62 -15.62 11.89 -5.29
N GLN A 63 -14.77 11.13 -5.98
CA GLN A 63 -14.11 9.95 -5.42
C GLN A 63 -12.69 10.30 -4.99
N GLU A 64 -12.29 9.83 -3.82
CA GLU A 64 -10.99 10.19 -3.23
C GLU A 64 -9.80 9.55 -3.94
N ILE A 65 -10.04 8.52 -4.77
CA ILE A 65 -8.97 7.97 -5.62
C ILE A 65 -8.55 8.92 -6.77
N SER A 66 -9.31 9.99 -7.00
CA SER A 66 -8.89 11.09 -7.86
C SER A 66 -7.55 11.63 -7.39
N ASP A 67 -6.81 12.26 -8.29
CA ASP A 67 -5.48 12.75 -7.98
C ASP A 67 -5.13 13.95 -8.82
N ASN A 68 -4.77 15.04 -8.14
CA ASN A 68 -4.27 16.24 -8.82
C ASN A 68 -2.75 16.40 -8.73
N PHE A 69 -2.07 15.37 -8.26
CA PHE A 69 -0.61 15.28 -8.34
C PHE A 69 0.12 16.51 -7.80
N GLU A 70 -0.36 17.03 -6.67
CA GLU A 70 0.24 18.23 -6.05
C GLU A 70 1.27 17.82 -4.98
N TYR A 71 1.96 16.71 -5.21
CA TYR A 71 3.02 16.25 -4.32
C TYR A 71 4.28 16.01 -5.14
N GLU A 72 5.36 15.61 -4.48
CA GLU A 72 6.59 15.25 -5.21
C GLU A 72 6.74 13.75 -5.15
N ALA A 73 7.08 13.14 -6.28
CA ALA A 73 7.36 11.71 -6.36
C ALA A 73 8.52 11.49 -7.33
N PRO A 74 9.76 11.45 -6.80
CA PRO A 74 10.92 11.20 -7.66
C PRO A 74 10.77 9.90 -8.44
N ALA A 75 11.31 9.91 -9.66
CA ALA A 75 11.09 8.83 -10.63
C ALA A 75 11.52 7.46 -10.11
N ASP A 76 12.69 7.41 -9.47
CA ASP A 76 13.24 6.13 -8.97
C ASP A 76 12.86 5.83 -7.50
N ASN A 77 12.18 6.77 -6.86
CA ASN A 77 11.72 6.60 -5.48
C ASN A 77 10.43 7.40 -5.25
N LYS A 78 9.30 6.81 -5.61
CA LYS A 78 8.05 7.54 -5.78
C LYS A 78 7.51 8.12 -4.46
N GLY A 79 7.61 7.36 -3.38
CA GLY A 79 7.15 7.81 -2.09
C GLY A 79 5.72 7.39 -1.82
N SER A 80 5.27 7.67 -0.60
CA SER A 80 4.02 7.10 -0.09
C SER A 80 2.75 7.72 -0.66
N GLU A 81 2.79 9.01 -0.92
CA GLU A 81 1.61 9.68 -1.47
C GLU A 81 1.24 9.09 -2.83
N PHE A 82 2.24 8.93 -3.69
CA PHE A 82 2.02 8.33 -5.00
C PHE A 82 1.54 6.89 -4.87
N LEU A 83 2.22 6.14 -4.01
CA LEU A 83 2.02 4.70 -3.94
C LEU A 83 0.73 4.28 -3.24
N GLU A 84 0.06 5.19 -2.53
CA GLU A 84 -1.26 4.86 -1.97
C GLU A 84 -2.33 4.72 -3.06
N LYS A 85 -2.18 5.47 -4.15
CA LYS A 85 -3.13 5.48 -5.25
C LYS A 85 -2.65 4.79 -6.53
N TRP A 86 -1.34 4.70 -6.74
CA TRP A 86 -0.75 4.28 -8.02
C TRP A 86 0.41 3.28 -7.86
N ASP A 87 0.48 2.34 -8.79
CA ASP A 87 1.66 1.54 -9.05
C ASP A 87 2.35 2.06 -10.33
N ASP A 88 3.67 2.27 -10.29
CA ASP A 88 4.38 2.83 -11.47
C ASP A 88 4.83 1.79 -12.48
N PHE A 89 3.96 0.81 -12.74
CA PHE A 89 4.08 -0.08 -13.89
C PHE A 89 2.69 -0.44 -14.44
N TYR A 90 2.68 -1.22 -15.51
CA TYR A 90 1.50 -1.88 -16.08
C TYR A 90 1.00 -2.94 -15.11
N HIS A 91 -0.25 -3.38 -15.24
CA HIS A 91 -0.86 -4.26 -14.23
C HIS A 91 -0.41 -5.71 -14.27
N ASN A 92 0.45 -6.08 -15.22
CA ASN A 92 1.25 -7.30 -15.12
C ASN A 92 2.66 -6.97 -15.64
N ALA A 93 3.53 -7.98 -15.74
CA ALA A 93 4.94 -7.75 -16.09
C ALA A 93 5.21 -7.55 -17.59
N TRP A 94 4.18 -7.54 -18.43
CA TRP A 94 4.32 -7.14 -19.83
C TRP A 94 4.92 -5.73 -19.93
N ALA A 95 5.94 -5.59 -20.77
CA ALA A 95 6.68 -4.36 -20.89
C ALA A 95 6.18 -3.50 -22.05
N GLY A 96 5.17 -4.01 -22.77
CA GLY A 96 4.44 -3.22 -23.74
C GLY A 96 4.52 -3.64 -25.20
N PRO A 97 3.77 -2.95 -26.03
CA PRO A 97 3.66 -3.28 -27.46
C PRO A 97 4.78 -2.65 -28.30
N GLY A 98 4.90 -3.09 -29.55
CA GLY A 98 5.92 -2.56 -30.47
C GLY A 98 7.28 -2.41 -29.82
N LEU A 99 7.88 -1.21 -29.93
CA LEU A 99 9.22 -0.91 -29.39
C LEU A 99 9.19 -0.49 -27.93
N THR A 100 8.01 -0.48 -27.33
CA THR A 100 7.83 -0.07 -25.94
C THR A 100 8.54 -1.01 -24.97
N GLU A 101 9.28 -0.43 -24.02
CA GLU A 101 9.77 -1.13 -22.83
C GLU A 101 9.51 -0.24 -21.64
N TRP A 102 8.37 -0.47 -20.99
CA TRP A 102 7.95 0.35 -19.87
C TRP A 102 8.92 0.21 -18.71
N LYS A 103 9.08 1.30 -17.97
CA LYS A 103 10.02 1.36 -16.86
C LYS A 103 9.39 2.18 -15.74
N ARG A 104 9.59 1.71 -14.51
CA ARG A 104 9.09 2.42 -13.34
C ARG A 104 9.65 3.82 -13.26
N ASP A 105 10.93 3.94 -13.60
CA ASP A 105 11.67 5.20 -13.46
C ASP A 105 11.53 6.14 -14.65
N ARG A 106 10.55 5.88 -15.51
CA ARG A 106 10.18 6.82 -16.57
C ARG A 106 8.87 7.54 -16.27
N SER A 107 8.34 7.38 -15.07
CA SER A 107 7.25 8.22 -14.56
C SER A 107 7.70 8.94 -13.29
N TYR A 108 7.11 10.10 -13.05
CA TYR A 108 7.36 10.88 -11.85
C TYR A 108 6.26 11.91 -11.66
N VAL A 109 6.21 12.56 -10.50
CA VAL A 109 5.35 13.72 -10.37
C VAL A 109 6.13 14.92 -9.81
N ALA A 110 5.96 16.06 -10.46
CA ALA A 110 6.60 17.31 -10.06
C ALA A 110 5.83 18.51 -10.62
N ASP A 111 5.88 19.63 -9.89
CA ASP A 111 5.33 20.89 -10.36
C ASP A 111 3.84 20.78 -10.68
N GLY A 112 3.14 19.97 -9.89
CA GLY A 112 1.70 19.85 -9.99
C GLY A 112 1.20 18.89 -11.04
N GLU A 113 2.09 18.11 -11.66
CA GLU A 113 1.70 17.19 -12.74
C GLU A 113 2.33 15.81 -12.62
N LEU A 114 1.57 14.79 -13.00
CA LEU A 114 2.13 13.51 -13.36
C LEU A 114 2.85 13.70 -14.70
N LYS A 115 4.11 13.31 -14.74
CA LYS A 115 4.92 13.42 -15.93
C LYS A 115 5.56 12.09 -16.27
N MET A 116 5.85 11.92 -17.54
CA MET A 116 6.17 10.63 -18.10
C MET A 116 6.97 10.88 -19.37
N TRP A 117 8.16 10.31 -19.52
CA TRP A 117 8.97 10.60 -20.70
C TRP A 117 9.62 9.39 -21.34
N ALA A 118 10.18 9.60 -22.53
CA ALA A 118 10.70 8.52 -23.36
C ALA A 118 12.19 8.69 -23.70
N THR A 119 12.97 7.64 -23.53
CA THR A 119 14.38 7.61 -23.95
C THR A 119 14.68 6.29 -24.60
N ARG A 120 15.61 6.31 -25.54
CA ARG A 120 16.04 5.08 -26.19
C ARG A 120 16.70 4.13 -25.21
N LYS A 121 16.36 2.84 -25.31
CA LYS A 121 17.05 1.80 -24.55
C LYS A 121 18.45 1.61 -25.14
N PRO A 122 19.49 1.75 -24.32
CA PRO A 122 20.88 1.61 -24.78
C PRO A 122 21.14 0.28 -25.46
N GLY A 123 21.76 0.33 -26.64
CA GLY A 123 22.06 -0.85 -27.43
C GLY A 123 20.85 -1.49 -28.09
N SER A 124 19.75 -0.76 -28.20
CA SER A 124 18.50 -1.35 -28.70
C SER A 124 17.68 -0.37 -29.56
N ASP A 125 16.72 -0.89 -30.30
CA ASP A 125 15.71 -0.05 -30.95
C ASP A 125 14.58 0.31 -29.99
N LYS A 126 14.48 -0.41 -28.87
CA LYS A 126 13.37 -0.21 -27.94
C LYS A 126 13.43 1.18 -27.32
N ILE A 127 12.29 1.65 -26.84
CA ILE A 127 12.18 2.93 -26.15
C ILE A 127 11.61 2.70 -24.75
N ASN A 128 12.37 3.07 -23.72
CA ASN A 128 11.87 3.08 -22.37
C ASN A 128 10.93 4.25 -22.17
N MET A 129 9.88 3.96 -21.41
CA MET A 129 8.70 4.78 -21.36
C MET A 129 7.95 4.55 -20.07
N GLY A 130 7.13 5.52 -19.67
CA GLY A 130 6.32 5.40 -18.47
C GLY A 130 4.98 4.67 -18.64
N CYS A 131 4.55 4.09 -17.52
CA CYS A 131 3.24 3.46 -17.38
C CYS A 131 2.88 3.38 -15.90
N ILE A 132 1.74 3.92 -15.52
CA ILE A 132 1.21 3.73 -14.17
C ILE A 132 -0.20 3.15 -14.21
N THR A 133 -0.56 2.45 -13.12
CA THR A 133 -1.86 1.84 -12.93
C THR A 133 -2.46 2.12 -11.56
N SER A 134 -3.76 2.39 -11.52
CA SER A 134 -4.45 2.66 -10.26
C SER A 134 -4.45 1.42 -9.36
N LYS A 135 -4.37 1.63 -8.05
CA LYS A 135 -4.42 0.54 -7.07
C LYS A 135 -5.85 0.11 -6.77
N THR A 136 -6.80 0.97 -7.10
CA THR A 136 -8.22 0.70 -6.97
C THR A 136 -8.85 0.66 -8.35
N ARG A 137 -9.84 -0.21 -8.50
CA ARG A 137 -10.57 -0.34 -9.75
C ARG A 137 -11.85 0.49 -9.76
N VAL A 138 -12.31 0.82 -10.94
CA VAL A 138 -13.54 1.57 -11.14
C VAL A 138 -14.55 0.75 -11.93
N VAL A 139 -15.82 1.07 -11.77
CA VAL A 139 -16.88 0.41 -12.57
C VAL A 139 -18.05 1.36 -12.86
N TYR A 140 -18.79 1.11 -13.92
CA TYR A 140 -19.99 1.89 -14.21
C TYR A 140 -20.95 1.82 -13.00
N PRO A 141 -21.81 2.83 -12.81
CA PRO A 141 -21.74 4.11 -13.54
C PRO A 141 -20.63 4.99 -12.95
N VAL A 142 -19.87 5.64 -13.82
CA VAL A 142 -18.71 6.42 -13.38
C VAL A 142 -18.30 7.40 -14.48
N TYR A 143 -17.96 8.61 -14.07
CA TYR A 143 -17.41 9.62 -14.95
C TYR A 143 -15.95 9.84 -14.58
N ILE A 144 -15.06 9.68 -15.56
CA ILE A 144 -13.63 9.81 -15.36
C ILE A 144 -13.07 10.79 -16.37
N GLU A 145 -12.31 11.78 -15.88
CA GLU A 145 -11.83 12.87 -16.72
C GLU A 145 -10.40 13.26 -16.37
N ALA A 146 -9.52 13.27 -17.36
CA ALA A 146 -8.14 13.68 -17.18
C ALA A 146 -7.87 15.02 -17.87
N ARG A 147 -7.17 15.91 -17.19
CA ARG A 147 -6.65 17.11 -17.81
C ARG A 147 -5.21 16.81 -18.21
N ALA A 148 -4.96 16.74 -19.50
CA ALA A 148 -3.72 16.19 -20.03
C ALA A 148 -3.23 16.97 -21.24
N LYS A 149 -1.93 16.92 -21.49
CA LYS A 149 -1.33 17.55 -22.65
C LYS A 149 -0.65 16.49 -23.47
N VAL A 150 -1.28 16.17 -24.59
CA VAL A 150 -0.77 15.24 -25.57
C VAL A 150 0.64 15.65 -26.01
N MET A 151 1.56 14.67 -26.05
CA MET A 151 2.94 14.89 -26.45
C MET A 151 3.05 15.33 -27.91
N ASN A 152 4.05 16.16 -28.19
CA ASN A 152 4.46 16.47 -29.56
C ASN A 152 5.41 15.37 -30.06
N SER A 153 4.84 14.17 -30.22
CA SER A 153 5.56 12.94 -30.50
C SER A 153 4.68 11.96 -31.31
N THR A 154 5.34 11.07 -32.05
CA THR A 154 4.64 10.00 -32.77
C THR A 154 4.18 8.91 -31.83
N LEU A 155 4.70 8.88 -30.61
CA LEU A 155 4.25 7.94 -29.58
C LEU A 155 2.84 8.29 -29.14
N ALA A 156 2.10 7.27 -28.70
CA ALA A 156 0.74 7.47 -28.19
C ALA A 156 0.82 8.05 -26.79
N SER A 157 -0.05 9.03 -26.55
CA SER A 157 -0.34 9.53 -25.20
C SER A 157 -1.69 8.96 -24.79
N ASP A 158 -1.73 8.21 -23.70
CA ASP A 158 -2.89 7.38 -23.36
C ASP A 158 -3.39 7.55 -21.92
N VAL A 159 -4.70 7.71 -21.79
CA VAL A 159 -5.41 7.52 -20.54
C VAL A 159 -6.54 6.52 -20.82
N TRP A 160 -6.51 5.40 -20.13
CA TRP A 160 -7.41 4.31 -20.48
C TRP A 160 -7.78 3.41 -19.30
N LEU A 161 -8.72 2.50 -19.55
CA LEU A 161 -9.21 1.57 -18.55
C LEU A 161 -9.13 0.16 -19.09
N LEU A 162 -8.77 -0.77 -18.22
CA LEU A 162 -8.56 -2.16 -18.62
C LEU A 162 -8.99 -3.11 -17.51
N SER A 163 -9.82 -4.09 -17.85
CA SER A 163 -10.22 -5.10 -16.87
C SER A 163 -9.03 -5.98 -16.47
N ALA A 164 -9.14 -6.60 -15.31
CA ALA A 164 -8.05 -7.38 -14.75
C ALA A 164 -7.67 -8.56 -15.64
N ASP A 165 -8.65 -9.16 -16.30
CA ASP A 165 -8.43 -10.31 -17.19
C ASP A 165 -8.18 -9.91 -18.66
N ASP A 166 -8.02 -8.61 -18.90
CA ASP A 166 -7.60 -8.08 -20.20
C ASP A 166 -8.60 -8.28 -21.34
N THR A 167 -9.87 -8.52 -21.03
CA THR A 167 -10.91 -8.76 -22.06
C THR A 167 -11.73 -7.53 -22.42
N GLN A 168 -11.65 -6.48 -21.59
CA GLN A 168 -12.47 -5.29 -21.78
C GLN A 168 -11.64 -4.03 -21.54
N GLU A 169 -11.83 -3.03 -22.40
CA GLU A 169 -10.98 -1.84 -22.42
C GLU A 169 -11.81 -0.61 -22.83
N ILE A 170 -11.60 0.50 -22.14
CA ILE A 170 -12.16 1.76 -22.56
C ILE A 170 -11.05 2.79 -22.70
N ASP A 171 -10.89 3.35 -23.89
CA ASP A 171 -9.87 4.38 -24.16
C ASP A 171 -10.43 5.78 -24.13
N ILE A 172 -10.09 6.52 -23.07
CA ILE A 172 -10.57 7.86 -22.85
C ILE A 172 -9.80 8.84 -23.71
N LEU A 173 -8.50 8.63 -23.79
CA LEU A 173 -7.61 9.41 -24.65
C LEU A 173 -6.57 8.48 -25.23
N GLU A 174 -6.48 8.44 -26.55
CA GLU A 174 -5.36 7.83 -27.25
C GLU A 174 -5.05 8.77 -28.41
N ALA A 175 -3.87 9.39 -28.38
CA ALA A 175 -3.57 10.47 -29.33
C ALA A 175 -2.08 10.49 -29.67
N TYR A 176 -1.80 10.70 -30.96
CA TYR A 176 -0.45 10.76 -31.52
C TYR A 176 -0.21 12.21 -31.96
N GLY A 177 0.33 13.03 -31.07
CA GLY A 177 0.23 14.49 -31.22
C GLY A 177 1.29 15.27 -31.99
N ALA A 178 2.30 14.60 -32.53
CA ALA A 178 3.39 15.32 -33.20
C ALA A 178 2.92 16.14 -34.42
N ASP A 179 3.46 17.34 -34.55
CA ASP A 179 3.30 18.17 -35.74
C ASP A 179 3.96 17.55 -36.97
N TYR A 180 5.04 16.81 -36.76
CA TYR A 180 5.87 16.28 -37.84
C TYR A 180 6.56 14.98 -37.43
N SER A 181 6.84 14.11 -38.40
CA SER A 181 7.50 12.83 -38.15
C SER A 181 8.73 12.70 -39.03
N GLU A 182 9.92 12.64 -38.44
CA GLU A 182 11.13 12.38 -39.21
C GLU A 182 11.20 10.96 -39.74
N SER A 183 10.71 9.98 -38.97
CA SER A 183 10.71 8.59 -39.45
C SER A 183 10.01 8.44 -40.80
N ALA A 184 8.86 9.08 -40.95
CA ALA A 184 8.07 9.00 -42.19
C ALA A 184 8.41 10.11 -43.17
N GLY A 185 9.11 11.14 -42.67
CA GLY A 185 9.45 12.31 -43.46
C GLY A 185 8.19 13.03 -43.92
N LYS A 186 7.29 13.29 -42.98
CA LYS A 186 6.08 14.01 -43.34
C LYS A 186 5.43 14.83 -42.22
N ASP A 187 4.67 15.82 -42.64
CA ASP A 187 3.74 16.54 -41.77
C ASP A 187 2.80 15.51 -41.16
N HIS A 188 2.63 15.62 -39.85
CA HIS A 188 1.91 14.64 -39.07
C HIS A 188 0.60 15.23 -38.53
N SER A 189 0.05 16.23 -39.22
CA SER A 189 -1.16 16.92 -38.74
C SER A 189 -2.42 16.09 -38.97
N TYR A 190 -2.35 15.12 -39.87
CA TYR A 190 -3.40 14.13 -39.97
C TYR A 190 -3.67 13.56 -38.57
N PHE A 191 -2.61 13.29 -37.83
CA PHE A 191 -2.69 12.74 -36.48
C PHE A 191 -2.69 13.79 -35.37
N SER A 192 -1.97 14.91 -35.56
CA SER A 192 -1.85 15.94 -34.53
C SER A 192 -3.20 16.57 -34.18
N LYS A 193 -4.15 16.53 -35.11
CA LYS A 193 -5.48 17.11 -34.91
C LYS A 193 -6.54 16.08 -34.56
N LYS A 194 -6.15 14.83 -34.31
CA LYS A 194 -7.11 13.76 -33.97
C LYS A 194 -6.89 13.18 -32.55
N VAL A 195 -8.01 12.81 -31.94
CA VAL A 195 -8.03 12.09 -30.65
C VAL A 195 -8.84 10.81 -30.87
N HIS A 196 -8.22 9.65 -30.62
CA HIS A 196 -8.90 8.38 -30.73
C HIS A 196 -9.64 8.09 -29.45
N ILE A 197 -10.95 7.90 -29.57
CA ILE A 197 -11.83 7.63 -28.45
C ILE A 197 -12.60 6.37 -28.78
N SER A 198 -12.40 5.34 -27.96
CA SER A 198 -12.76 4.00 -28.35
C SER A 198 -12.94 3.08 -27.17
N HIS A 199 -13.19 1.81 -27.48
CA HIS A 199 -13.21 0.74 -26.49
C HIS A 199 -12.89 -0.56 -27.21
N HIS A 200 -12.32 -1.54 -26.50
CA HIS A 200 -12.06 -2.89 -27.05
C HIS A 200 -12.77 -3.98 -26.24
N VAL A 201 -13.23 -5.02 -26.91
CA VAL A 201 -13.52 -6.28 -26.25
C VAL A 201 -12.61 -7.31 -26.89
N PHE A 202 -12.02 -8.19 -26.07
CA PHE A 202 -11.03 -9.18 -26.51
C PHE A 202 -11.46 -10.61 -26.19
N ILE A 203 -11.05 -11.53 -27.05
CA ILE A 203 -10.88 -12.93 -26.68
C ILE A 203 -9.38 -13.16 -26.62
N ARG A 204 -8.93 -13.75 -25.53
CA ARG A 204 -7.51 -13.96 -25.29
C ARG A 204 -6.94 -15.31 -25.81
N ASP A 205 -7.71 -16.40 -25.72
CA ASP A 205 -7.16 -17.76 -25.85
C ASP A 205 -6.47 -18.00 -27.19
N PRO A 206 -7.19 -17.93 -28.31
CA PRO A 206 -6.65 -17.31 -29.53
C PRO A 206 -7.01 -15.81 -29.55
N PHE A 207 -6.01 -14.94 -29.66
CA PHE A 207 -6.22 -13.49 -29.57
C PHE A 207 -7.16 -12.91 -30.65
N GLN A 208 -8.23 -12.26 -30.22
CA GLN A 208 -9.11 -11.50 -31.11
C GLN A 208 -9.43 -10.15 -30.47
N ASP A 209 -9.69 -9.17 -31.31
CA ASP A 209 -9.76 -7.77 -30.91
C ASP A 209 -10.84 -7.05 -31.72
N TYR A 210 -11.83 -6.48 -31.03
CA TYR A 210 -12.85 -5.66 -31.69
C TYR A 210 -12.83 -4.28 -31.09
N GLN A 211 -13.01 -3.30 -31.97
CA GLN A 211 -13.34 -1.95 -31.55
C GLN A 211 -14.15 -1.31 -32.67
N PRO A 212 -14.92 -0.27 -32.34
CA PRO A 212 -15.61 0.51 -33.37
C PRO A 212 -14.58 1.14 -34.29
N LYS A 213 -14.86 1.16 -35.58
CA LYS A 213 -13.91 1.70 -36.56
C LYS A 213 -14.51 2.82 -37.42
N ASP A 214 -15.73 3.25 -37.11
CA ASP A 214 -16.33 4.36 -37.84
C ASP A 214 -15.55 5.65 -37.59
N ALA A 215 -15.78 6.64 -38.44
CA ALA A 215 -14.94 7.84 -38.50
C ALA A 215 -15.03 8.67 -37.24
N GLY A 216 -16.20 8.66 -36.61
CA GLY A 216 -16.40 9.39 -35.37
C GLY A 216 -15.54 8.94 -34.20
N SER A 217 -14.92 7.76 -34.29
CA SER A 217 -13.98 7.29 -33.25
C SER A 217 -12.64 8.08 -33.23
N TRP A 218 -12.41 8.88 -34.27
CA TRP A 218 -11.31 9.83 -34.28
C TRP A 218 -11.88 11.26 -34.31
N PHE A 219 -11.91 11.91 -33.15
CA PHE A 219 -12.44 13.27 -33.04
C PHE A 219 -11.44 14.30 -33.55
N GLU A 220 -11.95 15.25 -34.34
CA GLU A 220 -11.13 16.33 -34.92
C GLU A 220 -11.93 17.64 -35.00
N ASP A 221 -11.34 18.68 -34.42
CA ASP A 221 -11.87 20.05 -34.31
C ASP A 221 -11.18 21.06 -35.24
N GLY A 222 -9.91 20.83 -35.54
CA GLY A 222 -9.01 21.91 -35.96
C GLY A 222 -8.00 22.19 -34.86
N THR A 223 -8.34 21.75 -33.65
CA THR A 223 -7.46 21.85 -32.48
C THR A 223 -6.23 20.97 -32.68
N VAL A 224 -5.04 21.55 -32.47
CA VAL A 224 -3.80 20.79 -32.42
C VAL A 224 -3.58 20.49 -30.94
N TRP A 225 -3.81 19.22 -30.57
CA TRP A 225 -3.93 18.80 -29.18
C TRP A 225 -2.66 18.99 -28.36
N ASN A 226 -1.49 18.98 -29.01
CA ASN A 226 -0.22 19.08 -28.29
C ASN A 226 0.08 20.45 -27.71
N LYS A 227 -0.65 21.47 -28.14
CA LYS A 227 -0.37 22.86 -27.77
C LYS A 227 -0.83 23.23 -26.35
N GLU A 228 -1.86 22.55 -25.86
CA GLU A 228 -2.48 22.87 -24.56
C GLU A 228 -2.95 21.64 -23.80
N PHE A 229 -3.11 21.82 -22.48
CA PHE A 229 -3.89 20.88 -21.68
C PHE A 229 -5.37 20.95 -22.07
N HIS A 230 -5.96 19.78 -22.28
CA HIS A 230 -7.39 19.65 -22.52
C HIS A 230 -7.95 18.62 -21.55
N ARG A 231 -9.27 18.64 -21.39
CA ARG A 231 -9.95 17.67 -20.55
C ARG A 231 -10.55 16.58 -21.41
N PHE A 232 -10.18 15.34 -21.12
CA PHE A 232 -10.70 14.19 -21.82
C PHE A 232 -11.41 13.34 -20.80
N GLY A 233 -12.69 13.10 -21.02
CA GLY A 233 -13.52 12.35 -20.11
C GLY A 233 -14.41 11.30 -20.76
N VAL A 234 -14.85 10.33 -19.95
CA VAL A 234 -15.82 9.35 -20.38
C VAL A 234 -16.88 9.13 -19.29
N TYR A 235 -18.14 9.10 -19.70
CA TYR A 235 -19.20 8.57 -18.83
C TYR A 235 -19.45 7.15 -19.25
N TRP A 236 -18.91 6.24 -18.47
CA TRP A 236 -19.21 4.85 -18.57
C TRP A 236 -20.46 4.62 -17.72
N ARG A 237 -21.61 4.72 -18.36
CA ARG A 237 -22.92 4.71 -17.66
C ARG A 237 -23.36 3.30 -17.28
N ASP A 238 -23.23 2.38 -18.23
CA ASP A 238 -23.62 0.99 -18.04
C ASP A 238 -22.87 0.17 -19.08
N PRO A 239 -23.01 -1.16 -19.08
CA PRO A 239 -22.25 -2.01 -20.00
C PRO A 239 -22.45 -1.76 -21.48
N TRP A 240 -23.48 -1.01 -21.82
CA TRP A 240 -23.83 -0.78 -23.22
C TRP A 240 -23.85 0.70 -23.61
N HIS A 241 -23.25 1.56 -22.82
CA HIS A 241 -23.36 2.98 -23.09
C HIS A 241 -22.18 3.77 -22.56
N LEU A 242 -21.50 4.43 -23.50
CA LEU A 242 -20.36 5.28 -23.25
C LEU A 242 -20.58 6.67 -23.87
N GLU A 243 -20.20 7.73 -23.15
CA GLU A 243 -20.24 9.09 -23.67
C GLU A 243 -18.88 9.73 -23.46
N TYR A 244 -18.30 10.29 -24.53
CA TYR A 244 -16.98 10.91 -24.46
C TYR A 244 -17.12 12.44 -24.46
N TYR A 245 -16.39 13.08 -23.56
CA TYR A 245 -16.44 14.53 -23.42
C TYR A 245 -15.05 15.10 -23.55
N ILE A 246 -14.90 16.10 -24.40
CA ILE A 246 -13.66 16.87 -24.48
C ILE A 246 -13.97 18.32 -24.12
N ASP A 247 -13.17 18.88 -23.22
CA ASP A 247 -13.36 20.23 -22.69
C ASP A 247 -14.81 20.53 -22.33
N GLY A 248 -15.45 19.55 -21.70
CA GLY A 248 -16.80 19.71 -21.17
C GLY A 248 -17.92 19.53 -22.18
N VAL A 249 -17.55 19.11 -23.39
CA VAL A 249 -18.51 19.03 -24.50
C VAL A 249 -18.64 17.59 -24.97
N LEU A 250 -19.87 17.14 -25.15
CA LEU A 250 -20.15 15.80 -25.65
C LEU A 250 -19.69 15.75 -27.10
N VAL A 251 -18.75 14.88 -27.38
CA VAL A 251 -18.26 14.70 -28.74
C VAL A 251 -18.64 13.36 -29.38
N ARG A 252 -19.06 12.39 -28.58
CA ARG A 252 -19.38 11.06 -29.10
C ARG A 252 -20.15 10.20 -28.12
N THR A 253 -21.15 9.50 -28.64
CA THR A 253 -21.93 8.54 -27.87
C THR A 253 -21.85 7.18 -28.53
N VAL A 254 -21.43 6.18 -27.76
CA VAL A 254 -21.32 4.79 -28.23
C VAL A 254 -22.29 3.96 -27.42
N SER A 255 -23.44 3.68 -28.01
CA SER A 255 -24.56 3.10 -27.31
C SER A 255 -25.16 1.92 -28.05
N GLY A 256 -25.38 0.83 -27.33
CA GLY A 256 -26.03 -0.33 -27.89
C GLY A 256 -25.10 -1.47 -28.23
N LYS A 257 -25.72 -2.64 -28.33
CA LYS A 257 -25.06 -3.92 -28.62
C LYS A 257 -24.33 -3.96 -29.97
N ASP A 258 -24.97 -3.43 -31.01
CA ASP A 258 -24.43 -3.49 -32.38
C ASP A 258 -23.05 -2.82 -32.57
N ILE A 259 -22.79 -1.79 -31.77
CA ILE A 259 -21.49 -1.09 -31.80
C ILE A 259 -20.55 -1.45 -30.61
N ILE A 260 -21.12 -1.82 -29.47
CA ILE A 260 -20.26 -2.18 -28.32
C ILE A 260 -19.65 -3.58 -28.49
N ASP A 261 -20.47 -4.57 -28.88
CA ASP A 261 -19.96 -5.93 -29.08
C ASP A 261 -20.76 -6.73 -30.13
N PRO A 262 -20.74 -6.29 -31.40
CA PRO A 262 -21.49 -6.97 -32.47
C PRO A 262 -21.06 -8.42 -32.76
N LYS A 263 -19.82 -8.77 -32.39
CA LYS A 263 -19.28 -10.09 -32.63
C LYS A 263 -19.41 -11.02 -31.40
N HIS A 264 -20.13 -10.57 -30.38
CA HIS A 264 -20.37 -11.34 -29.16
C HIS A 264 -19.10 -11.89 -28.51
N PHE A 265 -18.04 -11.10 -28.50
CA PHE A 265 -16.80 -11.46 -27.77
C PHE A 265 -17.00 -11.51 -26.26
N THR A 266 -18.03 -10.82 -25.76
CA THR A 266 -18.33 -10.83 -24.32
C THR A 266 -19.34 -11.90 -23.88
N ASN A 267 -19.70 -12.85 -24.76
CA ASN A 267 -20.54 -14.00 -24.34
C ASN A 267 -19.88 -14.71 -23.16
N THR A 268 -20.63 -14.98 -22.11
CA THR A 268 -20.16 -15.80 -20.98
C THR A 268 -19.99 -17.25 -21.43
N THR A 269 -20.76 -17.66 -22.43
CA THR A 269 -20.63 -18.99 -23.00
C THR A 269 -20.36 -18.89 -24.52
N ASP A 270 -19.21 -19.44 -24.93
CA ASP A 270 -18.77 -19.50 -26.33
C ASP A 270 -18.58 -18.12 -26.99
N PRO A 271 -17.50 -17.44 -26.63
CA PRO A 271 -17.24 -16.10 -27.17
C PRO A 271 -17.04 -16.11 -28.68
N GLY A 272 -17.64 -15.16 -29.39
CA GLY A 272 -17.51 -15.08 -30.84
C GLY A 272 -18.62 -15.72 -31.66
N ASN A 273 -19.56 -16.39 -30.98
CA ASN A 273 -20.69 -17.06 -31.60
C ASN A 273 -21.95 -16.20 -31.54
N THR A 274 -22.33 -15.64 -32.69
CA THR A 274 -23.47 -14.71 -32.77
C THR A 274 -24.85 -15.38 -32.79
N GLU A 275 -24.87 -16.71 -32.90
CA GLU A 275 -26.11 -17.48 -32.80
C GLU A 275 -26.58 -17.54 -31.35
N ILE A 276 -25.64 -17.43 -30.41
CA ILE A 276 -25.88 -17.44 -28.96
C ILE A 276 -25.66 -16.07 -28.35
N ASP A 277 -26.61 -15.56 -27.57
CA ASP A 277 -26.47 -14.27 -26.91
C ASP A 277 -26.46 -14.36 -25.39
N THR A 278 -25.26 -14.45 -24.82
CA THR A 278 -25.05 -14.30 -23.40
C THR A 278 -24.09 -13.13 -23.18
N ARG A 279 -24.23 -12.10 -24.01
CA ARG A 279 -23.28 -11.02 -23.97
C ARG A 279 -23.35 -10.25 -22.66
N THR A 280 -22.18 -9.82 -22.26
CA THR A 280 -21.94 -9.17 -21.01
C THR A 280 -21.82 -7.63 -21.18
N GLY A 281 -21.34 -7.18 -22.33
CA GLY A 281 -21.03 -5.78 -22.52
C GLY A 281 -19.83 -5.40 -21.64
N LEU A 282 -19.61 -4.09 -21.48
CA LEU A 282 -18.50 -3.61 -20.65
C LEU A 282 -18.94 -3.57 -19.20
N ASN A 283 -18.85 -4.72 -18.52
CA ASN A 283 -19.40 -4.90 -17.18
C ASN A 283 -18.34 -5.05 -16.10
N LYS A 284 -17.12 -5.38 -16.51
CA LYS A 284 -16.08 -5.73 -15.57
C LYS A 284 -15.41 -4.47 -15.03
N GLU A 285 -15.12 -4.48 -13.73
CA GLU A 285 -14.36 -3.41 -13.10
C GLU A 285 -12.99 -3.30 -13.77
N MET A 286 -12.43 -2.09 -13.78
CA MET A 286 -11.23 -1.81 -14.59
C MET A 286 -10.19 -0.99 -13.84
N ASP A 287 -8.93 -1.31 -14.09
CA ASP A 287 -7.80 -0.49 -13.69
C ASP A 287 -7.72 0.76 -14.56
N ILE A 288 -7.36 1.88 -13.94
CA ILE A 288 -7.04 3.11 -14.67
C ILE A 288 -5.57 3.06 -15.04
N ILE A 289 -5.26 3.27 -16.30
CA ILE A 289 -3.87 3.22 -16.79
C ILE A 289 -3.55 4.53 -17.49
N ILE A 290 -2.42 5.12 -17.15
CA ILE A 290 -1.88 6.28 -17.86
C ILE A 290 -0.47 5.91 -18.36
N ASN A 291 -0.28 5.96 -19.67
CA ASN A 291 1.03 5.62 -20.23
C ASN A 291 1.30 6.35 -21.54
N THR A 292 2.48 6.07 -22.09
CA THR A 292 2.74 6.31 -23.49
C THR A 292 3.16 4.98 -24.09
N GLU A 293 2.99 4.86 -25.40
CA GLU A 293 3.24 3.62 -26.11
C GLU A 293 3.79 3.82 -27.52
N ASP A 294 4.81 3.06 -27.87
CA ASP A 294 5.08 2.80 -29.27
C ASP A 294 4.25 1.58 -29.68
N GLN A 295 3.39 1.72 -30.68
CA GLN A 295 2.49 0.65 -31.09
C GLN A 295 2.96 0.05 -32.44
N THR A 296 2.72 -1.24 -32.63
CA THR A 296 3.25 -1.98 -33.78
C THR A 296 2.74 -1.47 -35.14
N TRP A 297 1.47 -1.10 -35.21
CA TRP A 297 0.92 -0.62 -36.47
C TRP A 297 1.60 0.68 -37.00
N ARG A 298 2.35 1.33 -36.12
CA ARG A 298 3.05 2.56 -36.41
C ARG A 298 4.55 2.37 -36.66
N SER A 299 5.24 1.60 -35.81
CA SER A 299 6.70 1.42 -35.94
C SER A 299 7.06 0.32 -36.92
N SER A 300 6.19 -0.67 -37.07
CA SER A 300 6.26 -1.64 -38.16
C SER A 300 4.94 -1.73 -38.90
N PRO A 301 4.64 -0.77 -39.76
CA PRO A 301 3.35 -0.79 -40.47
C PRO A 301 3.23 -1.97 -41.44
N ALA A 302 1.99 -2.42 -41.61
CA ALA A 302 1.66 -3.55 -42.49
C ALA A 302 2.20 -3.39 -43.90
N SER A 303 2.21 -2.17 -44.43
CA SER A 303 2.68 -1.90 -45.78
C SER A 303 4.19 -2.10 -46.00
N GLY A 304 4.98 -2.10 -44.93
CA GLY A 304 6.43 -2.15 -45.05
C GLY A 304 7.13 -0.83 -45.40
N LEU A 305 6.38 0.23 -45.69
CA LEU A 305 6.97 1.48 -46.19
C LEU A 305 7.45 2.40 -45.08
N GLN A 306 8.68 2.88 -45.23
CA GLN A 306 9.19 3.93 -44.37
C GLN A 306 8.24 5.14 -44.29
N SER A 307 7.53 5.39 -45.39
CA SER A 307 6.66 6.57 -45.52
C SER A 307 5.47 6.55 -44.61
N ASN A 308 5.05 5.35 -44.21
CA ASN A 308 3.95 5.12 -43.25
C ASN A 308 4.44 4.60 -41.88
N THR A 309 5.68 4.89 -41.55
CA THR A 309 6.31 4.43 -40.31
C THR A 309 6.45 5.64 -39.42
N TYR A 310 5.72 5.63 -38.30
CA TYR A 310 5.68 6.76 -37.39
C TYR A 310 6.19 6.36 -36.01
N THR A 311 7.47 6.65 -35.76
CA THR A 311 8.11 6.36 -34.49
C THR A 311 9.33 7.30 -34.28
N PRO A 312 9.65 7.65 -33.04
CA PRO A 312 10.72 8.62 -32.81
C PRO A 312 12.11 8.16 -33.28
N THR A 313 12.77 9.04 -34.02
CA THR A 313 14.19 8.86 -34.28
C THR A 313 14.93 9.30 -33.03
N ASP A 314 16.23 9.02 -32.99
CA ASP A 314 17.09 9.49 -31.89
C ASP A 314 17.13 11.01 -31.82
N ASN A 315 17.25 11.65 -32.98
CA ASN A 315 17.19 13.11 -33.03
C ASN A 315 15.89 13.64 -32.39
N GLU A 316 14.76 13.00 -32.67
CA GLU A 316 13.48 13.42 -32.08
C GLU A 316 13.43 13.17 -30.55
N LEU A 317 14.13 12.13 -30.09
CA LEU A 317 14.15 11.77 -28.67
C LEU A 317 15.02 12.70 -27.84
N SER A 318 15.95 13.39 -28.51
CA SER A 318 16.80 14.35 -27.84
C SER A 318 16.04 15.58 -27.34
N ASN A 319 14.87 15.85 -27.91
CA ASN A 319 13.97 16.86 -27.35
C ASN A 319 13.04 16.17 -26.33
N ILE A 320 13.34 16.39 -25.06
CA ILE A 320 12.71 15.68 -23.97
C ILE A 320 11.27 16.18 -23.73
N GLU A 321 11.08 17.48 -23.77
CA GLU A 321 9.74 18.07 -23.58
C GLU A 321 8.75 17.54 -24.63
N ASN A 322 9.22 17.32 -25.85
CA ASN A 322 8.38 16.83 -26.94
C ASN A 322 7.91 15.42 -26.66
N ASN A 323 8.73 14.68 -25.92
CA ASN A 323 8.40 13.31 -25.51
C ASN A 323 8.07 13.16 -24.00
N THR A 324 7.52 14.21 -23.39
CA THR A 324 7.06 14.18 -22.00
C THR A 324 5.56 14.40 -22.01
N PHE A 325 4.82 13.40 -21.56
CA PHE A 325 3.35 13.45 -21.44
C PHE A 325 3.02 13.97 -20.04
N GLY A 326 2.18 14.99 -19.99
CA GLY A 326 1.79 15.64 -18.76
C GLY A 326 0.31 15.48 -18.45
N VAL A 327 0.00 15.07 -17.22
CA VAL A 327 -1.36 14.97 -16.71
C VAL A 327 -1.44 15.84 -15.46
N ASP A 328 -2.18 16.93 -15.56
CA ASP A 328 -2.40 17.83 -14.43
C ASP A 328 -3.27 17.16 -13.37
N TRP A 329 -4.34 16.51 -13.79
CA TRP A 329 -5.17 15.78 -12.84
C TRP A 329 -6.07 14.75 -13.51
N ILE A 330 -6.55 13.80 -12.72
CA ILE A 330 -7.55 12.85 -13.14
C ILE A 330 -8.60 12.78 -12.03
N ARG A 331 -9.86 13.05 -12.37
CA ARG A 331 -10.94 13.10 -11.40
C ARG A 331 -12.01 12.10 -11.77
N ILE A 332 -12.57 11.48 -10.75
CA ILE A 332 -13.51 10.38 -10.90
C ILE A 332 -14.74 10.67 -10.02
N TYR A 333 -15.92 10.62 -10.64
CA TYR A 333 -17.18 10.88 -9.95
C TYR A 333 -18.11 9.68 -10.12
N LYS A 334 -18.95 9.47 -9.11
CA LYS A 334 -19.99 8.45 -9.14
C LYS A 334 -21.34 9.16 -8.94
N PRO A 335 -22.38 8.72 -9.64
CA PRO A 335 -23.71 9.29 -9.45
C PRO A 335 -24.33 8.68 -8.19
N VAL A 336 -24.81 9.53 -7.28
CA VAL A 336 -25.50 9.08 -6.06
C VAL A 336 -26.81 9.85 -5.81
N GLU A 337 -27.71 9.25 -5.05
CA GLU A 337 -28.99 9.89 -4.64
C GLU A 337 -28.79 11.21 -3.88
N LYS A 338 -29.64 12.18 -4.17
CA LYS A 338 -29.68 13.44 -3.45
C LYS A 338 -30.28 13.23 -2.05
N VAL B 43 -61.69 -6.50 -27.40
CA VAL B 43 -60.49 -5.70 -27.84
C VAL B 43 -59.34 -6.63 -28.23
N ASP B 44 -58.66 -6.31 -29.32
CA ASP B 44 -57.62 -7.19 -29.89
C ASP B 44 -56.32 -7.19 -29.08
N TRP B 45 -55.78 -8.39 -28.85
CA TRP B 45 -54.56 -8.55 -28.06
C TRP B 45 -53.42 -7.65 -28.53
N LYS B 46 -53.30 -7.42 -29.83
CA LYS B 46 -52.24 -6.54 -30.36
C LYS B 46 -52.55 -5.03 -30.29
N ASP B 47 -53.80 -4.67 -30.01
CA ASP B 47 -54.18 -3.26 -29.85
C ASP B 47 -54.06 -2.76 -28.41
N ILE B 48 -53.90 -3.66 -27.43
CA ILE B 48 -53.78 -3.25 -26.04
C ILE B 48 -52.44 -2.56 -25.87
N PRO B 49 -52.44 -1.31 -25.40
CA PRO B 49 -51.19 -0.59 -25.16
C PRO B 49 -50.22 -1.36 -24.25
N VAL B 50 -48.92 -1.30 -24.55
CA VAL B 50 -47.95 -1.86 -23.63
C VAL B 50 -47.63 -0.81 -22.54
N PRO B 51 -47.76 -1.23 -21.29
CA PRO B 51 -47.70 -0.27 -20.16
C PRO B 51 -46.32 0.22 -19.84
N ALA B 52 -45.29 -0.55 -20.24
CA ALA B 52 -43.90 -0.13 -20.05
C ALA B 52 -43.64 1.01 -21.03
N ASP B 53 -42.78 1.94 -20.64
CA ASP B 53 -42.44 3.08 -21.51
C ASP B 53 -41.21 2.75 -22.37
N ALA B 54 -41.40 2.65 -23.68
CA ALA B 54 -40.29 2.34 -24.59
C ALA B 54 -39.13 3.33 -24.49
N GLY B 55 -39.44 4.59 -24.19
CA GLY B 55 -38.43 5.62 -23.99
C GLY B 55 -38.55 6.72 -25.02
N PRO B 56 -37.60 7.65 -24.98
CA PRO B 56 -37.61 8.78 -25.92
C PRO B 56 -37.22 8.31 -27.33
N ASN B 57 -38.04 8.66 -28.30
CA ASN B 57 -37.81 8.30 -29.69
C ASN B 57 -37.85 6.80 -29.93
N MET B 58 -38.60 6.07 -29.09
CA MET B 58 -38.78 4.62 -29.27
C MET B 58 -40.26 4.24 -29.34
N LYS B 59 -40.52 3.05 -29.83
CA LYS B 59 -41.88 2.53 -29.88
C LYS B 59 -41.81 1.00 -29.75
N TRP B 60 -42.93 0.38 -29.38
CA TRP B 60 -42.95 -1.05 -29.15
C TRP B 60 -43.28 -1.83 -30.42
N GLU B 61 -42.42 -2.77 -30.77
CA GLU B 61 -42.59 -3.61 -31.96
C GLU B 61 -43.01 -5.02 -31.54
N PHE B 62 -44.21 -5.42 -31.93
CA PHE B 62 -44.71 -6.77 -31.75
C PHE B 62 -43.76 -7.81 -32.35
N GLN B 63 -43.45 -8.86 -31.59
CA GLN B 63 -42.59 -9.96 -32.03
C GLN B 63 -43.48 -11.14 -32.44
N GLU B 64 -43.13 -11.76 -33.56
CA GLU B 64 -43.94 -12.83 -34.17
C GLU B 64 -43.94 -14.13 -33.35
N ILE B 65 -42.96 -14.29 -32.45
CA ILE B 65 -42.94 -15.45 -31.55
C ILE B 65 -44.06 -15.39 -30.51
N SER B 66 -44.74 -14.24 -30.41
CA SER B 66 -45.97 -14.15 -29.63
C SER B 66 -46.96 -15.18 -30.12
N ASP B 67 -47.90 -15.54 -29.27
CA ASP B 67 -48.87 -16.55 -29.60
C ASP B 67 -50.19 -16.30 -28.86
N ASN B 68 -51.29 -16.23 -29.61
CA ASN B 68 -52.63 -16.17 -29.03
C ASN B 68 -53.39 -17.49 -29.11
N PHE B 69 -52.70 -18.57 -29.49
CA PHE B 69 -53.20 -19.94 -29.35
C PHE B 69 -54.57 -20.14 -30.00
N GLU B 70 -54.77 -19.55 -31.19
CA GLU B 70 -56.04 -19.64 -31.92
C GLU B 70 -56.01 -20.78 -32.93
N TYR B 71 -55.33 -21.87 -32.59
CA TYR B 71 -55.31 -23.08 -33.40
C TYR B 71 -55.68 -24.28 -32.54
N GLU B 72 -55.68 -25.46 -33.14
CA GLU B 72 -55.89 -26.71 -32.39
C GLU B 72 -54.57 -27.44 -32.31
N ALA B 73 -54.26 -27.95 -31.11
CA ALA B 73 -53.06 -28.76 -30.91
C ALA B 73 -53.42 -29.85 -29.90
N PRO B 74 -53.84 -31.00 -30.42
CA PRO B 74 -54.12 -32.17 -29.56
C PRO B 74 -52.97 -32.51 -28.63
N ALA B 75 -53.29 -32.93 -27.41
CA ALA B 75 -52.31 -33.15 -26.36
C ALA B 75 -51.18 -34.08 -26.78
N ASP B 76 -51.55 -35.25 -27.33
CA ASP B 76 -50.59 -36.29 -27.72
C ASP B 76 -50.06 -36.14 -29.17
N ASN B 77 -50.61 -35.18 -29.93
CA ASN B 77 -50.14 -34.87 -31.27
C ASN B 77 -50.30 -33.38 -31.63
N LYS B 78 -49.32 -32.58 -31.24
CA LYS B 78 -49.47 -31.12 -31.15
C LYS B 78 -49.68 -30.46 -32.51
N GLY B 79 -48.98 -30.96 -33.52
CA GLY B 79 -49.12 -30.42 -34.86
C GLY B 79 -48.13 -29.30 -35.13
N SER B 80 -48.14 -28.81 -36.37
CA SER B 80 -47.04 -27.97 -36.86
C SER B 80 -47.12 -26.52 -36.41
N GLU B 81 -48.33 -25.99 -36.21
CA GLU B 81 -48.47 -24.60 -35.75
C GLU B 81 -47.94 -24.42 -34.32
N PHE B 82 -48.28 -25.33 -33.42
CA PHE B 82 -47.72 -25.33 -32.07
C PHE B 82 -46.22 -25.49 -32.11
N LEU B 83 -45.75 -26.46 -32.90
CA LEU B 83 -44.35 -26.88 -32.86
C LEU B 83 -43.38 -25.90 -33.51
N GLU B 84 -43.88 -24.95 -34.31
CA GLU B 84 -43.01 -23.90 -34.86
C GLU B 84 -42.55 -22.92 -33.78
N LYS B 85 -43.35 -22.74 -32.74
CA LYS B 85 -43.05 -21.81 -31.66
C LYS B 85 -42.69 -22.47 -30.32
N TRP B 86 -43.18 -23.68 -30.10
CA TRP B 86 -43.14 -24.31 -28.79
C TRP B 86 -42.68 -25.78 -28.84
N ASP B 87 -41.94 -26.17 -27.80
CA ASP B 87 -41.71 -27.56 -27.47
C ASP B 87 -42.60 -27.88 -26.26
N ASP B 88 -43.34 -28.99 -26.31
CA ASP B 88 -44.23 -29.36 -25.20
C ASP B 88 -43.55 -30.15 -24.07
N PHE B 89 -42.37 -29.69 -23.66
CA PHE B 89 -41.71 -30.11 -22.44
C PHE B 89 -40.90 -28.93 -21.84
N TYR B 90 -40.25 -29.19 -20.71
CA TYR B 90 -39.26 -28.29 -20.10
C TYR B 90 -38.06 -28.05 -21.05
N HIS B 91 -37.14 -27.17 -20.67
CA HIS B 91 -36.04 -26.78 -21.56
C HIS B 91 -34.84 -27.77 -21.54
N ASN B 92 -34.90 -28.74 -20.63
CA ASN B 92 -34.14 -29.98 -20.75
C ASN B 92 -35.03 -31.14 -20.30
N ALA B 93 -34.44 -32.33 -20.18
CA ALA B 93 -35.20 -33.56 -19.98
C ALA B 93 -35.66 -33.78 -18.52
N TRP B 94 -35.18 -32.94 -17.62
CA TRP B 94 -35.61 -32.99 -16.22
C TRP B 94 -37.12 -32.87 -16.10
N ALA B 95 -37.69 -33.74 -15.28
CA ALA B 95 -39.13 -33.94 -15.26
C ALA B 95 -39.84 -33.13 -14.16
N GLY B 96 -39.11 -32.21 -13.50
CA GLY B 96 -39.69 -31.25 -12.59
C GLY B 96 -39.36 -31.55 -11.14
N PRO B 97 -39.71 -30.62 -10.25
CA PRO B 97 -39.43 -30.76 -8.83
C PRO B 97 -40.51 -31.52 -8.07
N GLY B 98 -40.23 -31.79 -6.79
CA GLY B 98 -41.22 -32.25 -5.83
C GLY B 98 -41.91 -33.49 -6.35
N LEU B 99 -43.24 -33.45 -6.32
CA LEU B 99 -44.05 -34.54 -6.86
C LEU B 99 -44.32 -34.37 -8.37
N THR B 100 -43.75 -33.33 -8.99
CA THR B 100 -43.94 -33.08 -10.40
C THR B 100 -43.34 -34.18 -11.28
N GLU B 101 -44.12 -34.62 -12.27
CA GLU B 101 -43.59 -35.41 -13.37
C GLU B 101 -44.18 -34.85 -14.67
N TRP B 102 -43.44 -33.94 -15.30
CA TRP B 102 -43.93 -33.28 -16.50
C TRP B 102 -44.13 -34.29 -17.63
N LYS B 103 -45.13 -34.02 -18.44
CA LYS B 103 -45.56 -34.89 -19.50
C LYS B 103 -45.92 -34.03 -20.72
N ARG B 104 -45.46 -34.44 -21.89
CA ARG B 104 -45.81 -33.76 -23.13
C ARG B 104 -47.32 -33.73 -23.35
N ASP B 105 -47.99 -34.83 -23.01
CA ASP B 105 -49.41 -34.98 -23.26
C ASP B 105 -50.31 -34.47 -22.13
N ARG B 106 -49.76 -33.61 -21.27
CA ARG B 106 -50.57 -32.87 -20.29
C ARG B 106 -50.68 -31.39 -20.65
N SER B 107 -50.22 -31.02 -21.84
CA SER B 107 -50.49 -29.72 -22.43
C SER B 107 -51.22 -29.90 -23.76
N TYR B 108 -51.97 -28.87 -24.14
CA TYR B 108 -52.67 -28.85 -25.43
C TYR B 108 -53.17 -27.44 -25.71
N VAL B 109 -53.67 -27.18 -26.90
CA VAL B 109 -54.37 -25.93 -27.14
C VAL B 109 -55.73 -26.16 -27.81
N ALA B 110 -56.74 -25.52 -27.24
CA ALA B 110 -58.12 -25.62 -27.75
C ALA B 110 -58.96 -24.43 -27.28
N ASP B 111 -59.96 -24.06 -28.07
CA ASP B 111 -60.91 -22.99 -27.72
C ASP B 111 -60.21 -21.66 -27.46
N GLY B 112 -59.12 -21.40 -28.19
CA GLY B 112 -58.40 -20.15 -28.10
C GLY B 112 -57.41 -20.03 -26.97
N GLU B 113 -57.09 -21.14 -26.30
CA GLU B 113 -56.24 -21.12 -25.11
C GLU B 113 -55.21 -22.23 -25.14
N LEU B 114 -54.01 -21.93 -24.66
CA LEU B 114 -53.08 -22.94 -24.19
C LEU B 114 -53.64 -23.44 -22.87
N LYS B 115 -53.81 -24.76 -22.75
CA LYS B 115 -54.33 -25.38 -21.54
C LYS B 115 -53.43 -26.51 -21.10
N MET B 116 -53.44 -26.76 -19.79
CA MET B 116 -52.43 -27.56 -19.13
C MET B 116 -53.10 -28.13 -17.89
N TRP B 117 -53.09 -29.44 -17.70
CA TRP B 117 -53.77 -29.99 -16.51
C TRP B 117 -52.98 -31.04 -15.75
N ALA B 118 -53.44 -31.34 -14.54
CA ALA B 118 -52.73 -32.22 -13.61
C ALA B 118 -53.54 -33.47 -13.28
N THR B 119 -52.90 -34.63 -13.35
CA THR B 119 -53.50 -35.88 -12.91
C THR B 119 -52.47 -36.70 -12.13
N ARG B 120 -52.96 -37.49 -11.18
CA ARG B 120 -52.09 -38.38 -10.43
C ARG B 120 -51.45 -39.42 -11.33
N LYS B 121 -50.17 -39.63 -11.15
CA LYS B 121 -49.46 -40.68 -11.87
C LYS B 121 -49.99 -42.01 -11.34
N PRO B 122 -50.36 -42.92 -12.25
CA PRO B 122 -50.79 -44.27 -11.85
C PRO B 122 -49.76 -44.99 -10.98
N GLY B 123 -50.24 -45.54 -9.86
CA GLY B 123 -49.40 -46.28 -8.93
C GLY B 123 -48.34 -45.41 -8.29
N SER B 124 -48.69 -44.16 -7.98
CA SER B 124 -47.71 -43.20 -7.44
C SER B 124 -48.38 -42.02 -6.69
N ASP B 125 -47.61 -41.32 -5.89
CA ASP B 125 -48.05 -40.04 -5.33
C ASP B 125 -47.77 -38.87 -6.27
N LYS B 126 -46.98 -39.12 -7.31
CA LYS B 126 -46.50 -38.05 -8.17
C LYS B 126 -47.65 -37.58 -9.05
N ILE B 127 -47.51 -36.38 -9.58
CA ILE B 127 -48.57 -35.78 -10.38
C ILE B 127 -48.05 -35.45 -11.76
N ASN B 128 -48.66 -36.05 -12.78
CA ASN B 128 -48.38 -35.68 -14.17
C ASN B 128 -48.99 -34.32 -14.50
N MET B 129 -48.19 -33.49 -15.16
CA MET B 129 -48.59 -32.10 -15.43
C MET B 129 -47.82 -31.54 -16.61
N GLY B 130 -48.28 -30.41 -17.10
CA GLY B 130 -47.76 -29.81 -18.31
C GLY B 130 -46.60 -28.84 -18.12
N CYS B 131 -45.80 -28.75 -19.18
CA CYS B 131 -44.71 -27.79 -19.29
C CYS B 131 -44.40 -27.62 -20.77
N ILE B 132 -44.35 -26.36 -21.21
CA ILE B 132 -43.91 -26.04 -22.56
C ILE B 132 -42.83 -24.96 -22.51
N THR B 133 -41.93 -24.98 -23.51
CA THR B 133 -40.93 -23.93 -23.64
C THR B 133 -40.76 -23.42 -25.08
N SER B 134 -40.47 -22.12 -25.18
CA SER B 134 -40.34 -21.49 -26.48
C SER B 134 -39.14 -22.06 -27.21
N LYS B 135 -39.23 -22.11 -28.54
CA LYS B 135 -38.13 -22.57 -29.40
C LYS B 135 -37.16 -21.45 -29.76
N THR B 136 -37.57 -20.21 -29.51
CA THR B 136 -36.73 -19.02 -29.61
C THR B 136 -36.56 -18.38 -28.24
N ARG B 137 -35.36 -17.87 -27.99
CA ARG B 137 -35.06 -17.19 -26.75
C ARG B 137 -35.25 -15.68 -26.87
N VAL B 138 -35.44 -15.04 -25.72
CA VAL B 138 -35.67 -13.60 -25.63
C VAL B 138 -34.59 -13.00 -24.76
N VAL B 139 -34.36 -11.69 -24.94
CA VAL B 139 -33.38 -10.98 -24.13
C VAL B 139 -33.78 -9.51 -23.98
N TYR B 140 -33.34 -8.86 -22.89
CA TYR B 140 -33.57 -7.44 -22.68
C TYR B 140 -33.04 -6.68 -23.91
N PRO B 141 -33.59 -5.52 -24.25
CA PRO B 141 -34.79 -4.97 -23.63
C PRO B 141 -36.02 -5.60 -24.22
N VAL B 142 -36.96 -6.04 -23.40
CA VAL B 142 -38.12 -6.78 -23.86
C VAL B 142 -39.26 -6.71 -22.87
N TYR B 143 -40.48 -6.53 -23.40
CA TYR B 143 -41.69 -6.60 -22.60
C TYR B 143 -42.42 -7.88 -22.94
N ILE B 144 -42.72 -8.69 -21.92
CA ILE B 144 -43.38 -9.98 -22.10
C ILE B 144 -44.59 -10.08 -21.18
N GLU B 145 -45.75 -10.40 -21.71
CA GLU B 145 -47.00 -10.37 -20.95
C GLU B 145 -47.89 -11.53 -21.33
N ALA B 146 -48.36 -12.26 -20.32
CA ALA B 146 -49.31 -13.35 -20.52
C ALA B 146 -50.68 -12.99 -19.94
N ARG B 147 -51.74 -13.27 -20.69
CA ARG B 147 -53.09 -13.24 -20.16
C ARG B 147 -53.43 -14.67 -19.72
N ALA B 148 -53.56 -14.86 -18.42
CA ALA B 148 -53.62 -16.19 -17.85
C ALA B 148 -54.61 -16.25 -16.68
N LYS B 149 -55.15 -17.44 -16.45
CA LYS B 149 -56.00 -17.69 -15.33
C LYS B 149 -55.33 -18.69 -14.39
N VAL B 150 -54.90 -18.19 -13.24
CA VAL B 150 -54.32 -18.98 -12.17
C VAL B 150 -55.28 -20.11 -11.75
N MET B 151 -54.74 -21.33 -11.62
CA MET B 151 -55.52 -22.51 -11.19
C MET B 151 -56.07 -22.35 -9.77
N ASN B 152 -57.25 -22.91 -9.55
CA ASN B 152 -57.81 -23.06 -8.22
C ASN B 152 -57.25 -24.35 -7.60
N SER B 153 -55.93 -24.31 -7.35
CA SER B 153 -55.15 -25.47 -6.95
C SER B 153 -53.94 -25.04 -6.11
N THR B 154 -53.45 -25.94 -5.25
CA THR B 154 -52.25 -25.72 -4.45
C THR B 154 -50.99 -25.76 -5.33
N LEU B 155 -51.09 -26.35 -6.52
CA LEU B 155 -50.00 -26.34 -7.47
C LEU B 155 -49.68 -24.90 -7.92
N ALA B 156 -48.43 -24.68 -8.31
CA ALA B 156 -47.99 -23.40 -8.87
C ALA B 156 -48.46 -23.27 -10.32
N SER B 157 -48.96 -22.10 -10.66
CA SER B 157 -49.26 -21.71 -12.04
C SER B 157 -48.13 -20.74 -12.42
N ASP B 158 -47.36 -21.07 -13.46
CA ASP B 158 -46.12 -20.36 -13.76
C ASP B 158 -46.01 -19.92 -15.22
N VAL B 159 -45.57 -18.67 -15.38
CA VAL B 159 -45.02 -18.15 -16.62
C VAL B 159 -43.70 -17.51 -16.25
N TRP B 160 -42.62 -18.02 -16.81
CA TRP B 160 -41.29 -17.62 -16.40
C TRP B 160 -40.27 -17.73 -17.52
N LEU B 161 -39.07 -17.22 -17.23
CA LEU B 161 -37.96 -17.17 -18.15
C LEU B 161 -36.76 -17.82 -17.48
N LEU B 162 -35.96 -18.53 -18.26
CA LEU B 162 -34.81 -19.24 -17.73
C LEU B 162 -33.70 -19.34 -18.76
N SER B 163 -32.49 -18.99 -18.34
CA SER B 163 -31.32 -19.08 -19.21
C SER B 163 -30.96 -20.53 -19.52
N ALA B 164 -30.31 -20.74 -20.67
CA ALA B 164 -29.96 -22.07 -21.15
C ALA B 164 -29.14 -22.85 -20.14
N ASP B 165 -28.23 -22.16 -19.46
CA ASP B 165 -27.33 -22.75 -18.47
C ASP B 165 -27.90 -22.77 -17.03
N ASP B 166 -29.16 -22.39 -16.88
CA ASP B 166 -29.90 -22.50 -15.63
C ASP B 166 -29.42 -21.59 -14.49
N THR B 167 -28.63 -20.55 -14.80
CA THR B 167 -28.08 -19.65 -13.78
C THR B 167 -28.92 -18.40 -13.52
N GLN B 168 -29.81 -18.06 -14.44
CA GLN B 168 -30.57 -16.82 -14.40
C GLN B 168 -32.05 -17.07 -14.75
N GLU B 169 -32.94 -16.48 -13.98
CA GLU B 169 -34.37 -16.78 -14.03
C GLU B 169 -35.19 -15.53 -13.71
N ILE B 170 -36.25 -15.31 -14.48
CA ILE B 170 -37.20 -14.24 -14.19
C ILE B 170 -38.62 -14.81 -14.14
N ASP B 171 -39.25 -14.66 -12.99
CA ASP B 171 -40.60 -15.16 -12.77
C ASP B 171 -41.64 -14.05 -12.96
N ILE B 172 -42.36 -14.12 -14.07
CA ILE B 172 -43.38 -13.14 -14.40
C ILE B 172 -44.65 -13.42 -13.58
N LEU B 173 -45.01 -14.71 -13.50
CA LEU B 173 -46.14 -15.19 -12.70
C LEU B 173 -45.79 -16.51 -12.02
N GLU B 174 -45.83 -16.50 -10.69
CA GLU B 174 -45.76 -17.74 -9.91
C GLU B 174 -46.82 -17.60 -8.82
N ALA B 175 -47.87 -18.41 -8.90
CA ALA B 175 -49.04 -18.21 -8.04
C ALA B 175 -49.68 -19.53 -7.67
N TYR B 176 -50.08 -19.64 -6.41
CA TYR B 176 -50.70 -20.83 -5.86
C TYR B 176 -52.13 -20.44 -5.50
N GLY B 177 -53.07 -20.77 -6.38
CA GLY B 177 -54.36 -20.08 -6.40
C GLY B 177 -55.54 -20.67 -5.66
N ALA B 178 -55.39 -21.83 -5.04
CA ALA B 178 -56.52 -22.53 -4.42
C ALA B 178 -57.18 -21.69 -3.33
N ASP B 179 -58.51 -21.78 -3.24
CA ASP B 179 -59.25 -21.20 -2.12
C ASP B 179 -58.95 -21.97 -0.83
N TYR B 180 -58.71 -23.27 -0.96
CA TYR B 180 -58.56 -24.16 0.18
C TYR B 180 -57.64 -25.30 -0.16
N SER B 181 -56.99 -25.82 0.88
CA SER B 181 -56.09 -26.96 0.78
C SER B 181 -56.56 -28.05 1.70
N GLU B 182 -57.07 -29.12 1.12
CA GLU B 182 -57.49 -30.27 1.90
C GLU B 182 -56.27 -31.07 2.46
N SER B 183 -55.10 -30.98 1.82
CA SER B 183 -53.89 -31.63 2.40
C SER B 183 -53.48 -30.98 3.72
N ALA B 184 -53.59 -29.66 3.78
CA ALA B 184 -53.25 -28.90 4.97
C ALA B 184 -54.41 -28.81 5.96
N GLY B 185 -55.61 -29.13 5.48
CA GLY B 185 -56.81 -28.94 6.28
C GLY B 185 -57.06 -27.49 6.66
N LYS B 186 -56.64 -26.55 5.82
CA LYS B 186 -56.91 -25.14 6.09
C LYS B 186 -57.27 -24.27 4.87
N ASP B 187 -57.78 -23.08 5.19
CA ASP B 187 -58.09 -22.04 4.22
C ASP B 187 -56.78 -21.62 3.54
N HIS B 188 -56.80 -21.45 2.21
CA HIS B 188 -55.61 -21.23 1.39
C HIS B 188 -55.53 -19.79 0.86
N SER B 189 -56.38 -18.92 1.40
CA SER B 189 -56.52 -17.54 0.90
C SER B 189 -55.30 -16.65 1.15
N TYR B 190 -54.44 -17.05 2.09
CA TYR B 190 -53.15 -16.42 2.23
C TYR B 190 -52.40 -16.37 0.87
N PHE B 191 -52.44 -17.50 0.14
CA PHE B 191 -51.78 -17.64 -1.17
C PHE B 191 -52.70 -17.36 -2.38
N SER B 192 -54.00 -17.57 -2.24
CA SER B 192 -54.94 -17.36 -3.33
C SER B 192 -55.04 -15.89 -3.76
N LYS B 193 -54.59 -15.00 -2.86
CA LYS B 193 -54.59 -13.57 -3.08
C LYS B 193 -53.19 -12.99 -3.33
N LYS B 194 -52.19 -13.85 -3.54
CA LYS B 194 -50.81 -13.43 -3.76
C LYS B 194 -50.26 -13.91 -5.11
N VAL B 195 -49.51 -13.03 -5.76
CA VAL B 195 -48.76 -13.37 -6.96
C VAL B 195 -47.29 -13.14 -6.63
N HIS B 196 -46.50 -14.21 -6.74
CA HIS B 196 -45.07 -14.11 -6.55
C HIS B 196 -44.41 -13.61 -7.84
N ILE B 197 -43.73 -12.47 -7.72
CA ILE B 197 -43.05 -11.84 -8.84
C ILE B 197 -41.62 -11.62 -8.41
N SER B 198 -40.72 -12.25 -9.13
CA SER B 198 -39.36 -12.42 -8.64
C SER B 198 -38.38 -12.75 -9.75
N HIS B 199 -37.14 -12.99 -9.33
CA HIS B 199 -36.07 -13.39 -10.23
C HIS B 199 -35.07 -14.19 -9.38
N HIS B 200 -34.36 -15.15 -9.99
CA HIS B 200 -33.29 -15.88 -9.31
C HIS B 200 -31.98 -15.72 -10.06
N VAL B 201 -30.89 -15.70 -9.32
CA VAL B 201 -29.56 -15.98 -9.87
C VAL B 201 -28.94 -17.10 -9.05
N PHE B 202 -28.30 -18.04 -9.73
CA PHE B 202 -27.80 -19.27 -9.13
C PHE B 202 -26.31 -19.42 -9.40
N ILE B 203 -25.60 -19.98 -8.43
CA ILE B 203 -24.34 -20.67 -8.68
C ILE B 203 -24.65 -22.17 -8.70
N ARG B 204 -24.31 -22.86 -9.78
CA ARG B 204 -24.63 -24.30 -9.90
C ARG B 204 -23.80 -25.23 -8.98
N ASP B 205 -22.52 -24.94 -8.77
CA ASP B 205 -21.66 -25.82 -7.97
C ASP B 205 -20.62 -25.04 -7.15
N PRO B 206 -20.76 -24.96 -5.82
CA PRO B 206 -21.88 -25.56 -5.07
C PRO B 206 -23.15 -24.73 -5.10
N PHE B 207 -24.29 -25.42 -4.99
CA PHE B 207 -25.60 -24.82 -5.25
C PHE B 207 -25.94 -23.71 -4.27
N GLN B 208 -26.28 -22.56 -4.84
CA GLN B 208 -26.69 -21.38 -4.11
C GLN B 208 -27.74 -20.65 -4.90
N ASP B 209 -28.69 -20.09 -4.18
CA ASP B 209 -29.90 -19.55 -4.76
C ASP B 209 -30.13 -18.21 -4.09
N TYR B 210 -30.17 -17.16 -4.90
CA TYR B 210 -30.56 -15.84 -4.42
C TYR B 210 -31.80 -15.38 -5.15
N GLN B 211 -32.79 -14.92 -4.40
CA GLN B 211 -33.87 -14.11 -4.93
C GLN B 211 -34.19 -13.03 -3.91
N PRO B 212 -34.82 -11.95 -4.35
CA PRO B 212 -35.38 -10.96 -3.42
C PRO B 212 -36.43 -11.60 -2.53
N LYS B 213 -36.39 -11.31 -1.23
CA LYS B 213 -37.31 -11.92 -0.26
C LYS B 213 -38.19 -10.90 0.46
N ASP B 214 -38.08 -9.63 0.09
CA ASP B 214 -38.90 -8.60 0.71
C ASP B 214 -40.39 -8.81 0.39
N ALA B 215 -41.24 -8.14 1.16
CA ALA B 215 -42.68 -8.39 1.14
C ALA B 215 -43.34 -8.04 -0.20
N GLY B 216 -42.80 -7.03 -0.87
CA GLY B 216 -43.29 -6.62 -2.18
C GLY B 216 -43.16 -7.65 -3.29
N SER B 217 -42.33 -8.68 -3.11
CA SER B 217 -42.21 -9.76 -4.10
C SER B 217 -43.45 -10.67 -4.15
N TRP B 218 -44.38 -10.51 -3.18
CA TRP B 218 -45.69 -11.16 -3.24
C TRP B 218 -46.78 -10.08 -3.33
N PHE B 219 -47.27 -9.84 -4.54
CA PHE B 219 -48.29 -8.84 -4.76
C PHE B 219 -49.66 -9.31 -4.29
N GLU B 220 -50.36 -8.42 -3.59
CA GLU B 220 -51.69 -8.70 -3.04
C GLU B 220 -52.48 -7.38 -3.03
N ASP B 221 -53.66 -7.37 -3.66
CA ASP B 221 -54.60 -6.24 -3.56
C ASP B 221 -56.03 -6.65 -3.18
N GLY B 222 -56.24 -7.89 -2.76
CA GLY B 222 -57.58 -8.36 -2.47
C GLY B 222 -58.16 -9.25 -3.57
N THR B 223 -57.62 -9.15 -4.77
CA THR B 223 -58.07 -9.98 -5.88
C THR B 223 -57.80 -11.46 -5.60
N VAL B 224 -58.78 -12.29 -5.93
CA VAL B 224 -58.59 -13.73 -5.92
C VAL B 224 -58.24 -14.10 -7.35
N TRP B 225 -56.95 -14.40 -7.56
CA TRP B 225 -56.40 -14.56 -8.91
C TRP B 225 -57.07 -15.67 -9.73
N ASN B 226 -57.64 -16.68 -9.08
CA ASN B 226 -58.23 -17.83 -9.79
C ASN B 226 -59.61 -17.58 -10.43
N LYS B 227 -60.23 -16.44 -10.14
CA LYS B 227 -61.57 -16.14 -10.62
C LYS B 227 -61.63 -15.66 -12.06
N GLU B 228 -60.56 -14.99 -12.52
CA GLU B 228 -60.56 -14.40 -13.84
C GLU B 228 -59.17 -14.52 -14.51
N PHE B 229 -59.15 -14.34 -15.82
CA PHE B 229 -57.92 -14.10 -16.57
C PHE B 229 -57.43 -12.70 -16.21
N HIS B 230 -56.13 -12.60 -15.93
CA HIS B 230 -55.44 -11.33 -15.70
C HIS B 230 -54.21 -11.29 -16.59
N ARG B 231 -53.66 -10.08 -16.76
CA ARG B 231 -52.43 -9.91 -17.52
C ARG B 231 -51.27 -9.79 -16.56
N PHE B 232 -50.25 -10.59 -16.78
CA PHE B 232 -49.05 -10.56 -15.96
C PHE B 232 -47.89 -10.33 -16.90
N GLY B 233 -47.15 -9.23 -16.68
CA GLY B 233 -46.04 -8.87 -17.55
C GLY B 233 -44.79 -8.39 -16.83
N VAL B 234 -43.67 -8.46 -17.55
CA VAL B 234 -42.41 -7.90 -17.08
C VAL B 234 -41.75 -7.09 -18.18
N TYR B 235 -41.26 -5.90 -17.84
CA TYR B 235 -40.29 -5.20 -18.66
C TYR B 235 -38.92 -5.53 -18.12
N TRP B 236 -38.26 -6.44 -18.81
CA TRP B 236 -36.86 -6.74 -18.61
C TRP B 236 -36.07 -5.72 -19.44
N ARG B 237 -35.76 -4.58 -18.83
CA ARG B 237 -35.17 -3.45 -19.57
C ARG B 237 -33.68 -3.62 -19.82
N ASP B 238 -32.95 -4.05 -18.79
CA ASP B 238 -31.52 -4.30 -18.90
C ASP B 238 -31.16 -5.28 -17.79
N PRO B 239 -29.90 -5.70 -17.68
CA PRO B 239 -29.51 -6.70 -16.67
C PRO B 239 -29.73 -6.29 -15.22
N TRP B 240 -30.05 -5.04 -14.95
CA TRP B 240 -30.17 -4.53 -13.60
C TRP B 240 -31.52 -3.87 -13.34
N HIS B 241 -32.51 -4.11 -14.20
CA HIS B 241 -33.78 -3.40 -14.07
C HIS B 241 -34.96 -4.20 -14.60
N LEU B 242 -35.88 -4.53 -13.69
CA LEU B 242 -37.14 -5.21 -14.02
C LEU B 242 -38.33 -4.40 -13.53
N GLU B 243 -39.40 -4.38 -14.31
CA GLU B 243 -40.67 -3.79 -13.92
C GLU B 243 -41.78 -4.81 -14.12
N TYR B 244 -42.60 -5.01 -13.11
CA TYR B 244 -43.68 -5.98 -13.15
C TYR B 244 -45.04 -5.25 -13.30
N TYR B 245 -45.85 -5.70 -14.25
CA TYR B 245 -47.14 -5.09 -14.54
C TYR B 245 -48.23 -6.14 -14.42
N ILE B 246 -49.26 -5.82 -13.65
CA ILE B 246 -50.48 -6.62 -13.59
C ILE B 246 -51.67 -5.80 -14.08
N ASP B 247 -52.42 -6.36 -15.02
CA ASP B 247 -53.53 -5.65 -15.67
C ASP B 247 -53.17 -4.22 -16.12
N GLY B 248 -51.97 -4.10 -16.67
CA GLY B 248 -51.49 -2.85 -17.23
C GLY B 248 -50.95 -1.87 -16.24
N VAL B 249 -50.87 -2.25 -14.96
CA VAL B 249 -50.46 -1.34 -13.89
C VAL B 249 -49.11 -1.76 -13.32
N LEU B 250 -48.22 -0.79 -13.12
CA LEU B 250 -46.93 -1.03 -12.50
C LEU B 250 -47.18 -1.40 -11.05
N VAL B 251 -46.78 -2.60 -10.64
CA VAL B 251 -46.93 -2.99 -9.25
C VAL B 251 -45.61 -3.12 -8.53
N ARG B 252 -44.50 -3.21 -9.26
CA ARG B 252 -43.20 -3.45 -8.63
C ARG B 252 -42.02 -3.14 -9.56
N THR B 253 -41.01 -2.50 -9.01
CA THR B 253 -39.77 -2.22 -9.71
C THR B 253 -38.59 -2.78 -8.91
N VAL B 254 -37.79 -3.61 -9.56
CA VAL B 254 -36.61 -4.24 -8.98
C VAL B 254 -35.43 -3.71 -9.78
N SER B 255 -34.70 -2.76 -9.21
CA SER B 255 -33.68 -2.01 -9.93
C SER B 255 -32.41 -1.87 -9.11
N GLY B 256 -31.27 -2.09 -9.74
CA GLY B 256 -30.00 -1.89 -9.07
C GLY B 256 -29.36 -3.16 -8.58
N LYS B 257 -28.05 -3.07 -8.39
CA LYS B 257 -27.18 -4.19 -8.07
C LYS B 257 -27.45 -4.77 -6.68
N ASP B 258 -27.88 -3.91 -5.76
CA ASP B 258 -28.08 -4.29 -4.36
C ASP B 258 -29.28 -5.20 -4.19
N ILE B 259 -30.24 -5.13 -5.11
CA ILE B 259 -31.37 -6.04 -5.08
C ILE B 259 -31.32 -7.21 -6.11
N ILE B 260 -30.69 -6.99 -7.26
CA ILE B 260 -30.61 -8.00 -8.32
C ILE B 260 -29.56 -9.07 -8.03
N ASP B 261 -28.40 -8.65 -7.54
CA ASP B 261 -27.34 -9.62 -7.26
C ASP B 261 -26.36 -9.09 -6.23
N PRO B 262 -26.84 -8.85 -5.01
CA PRO B 262 -25.99 -8.34 -3.93
C PRO B 262 -24.87 -9.29 -3.50
N LYS B 263 -25.02 -10.59 -3.72
CA LYS B 263 -24.00 -11.57 -3.35
C LYS B 263 -22.94 -11.88 -4.44
N HIS B 264 -23.05 -11.23 -5.61
CA HIS B 264 -22.11 -11.42 -6.72
C HIS B 264 -22.11 -12.86 -7.27
N PHE B 265 -23.28 -13.51 -7.29
CA PHE B 265 -23.45 -14.80 -7.97
C PHE B 265 -23.27 -14.69 -9.50
N THR B 266 -23.41 -13.51 -10.09
CA THR B 266 -23.26 -13.35 -11.55
C THR B 266 -21.88 -12.81 -11.93
N ASN B 267 -20.95 -12.72 -10.98
CA ASN B 267 -19.54 -12.48 -11.29
C ASN B 267 -19.08 -13.46 -12.38
N THR B 268 -18.35 -12.92 -13.36
CA THR B 268 -17.69 -13.75 -14.40
C THR B 268 -16.49 -14.49 -13.84
N THR B 269 -15.77 -13.87 -12.91
CA THR B 269 -14.69 -14.55 -12.19
C THR B 269 -14.94 -14.54 -10.68
N ASP B 270 -14.72 -15.68 -10.04
CA ASP B 270 -14.87 -15.85 -8.60
C ASP B 270 -16.31 -15.50 -8.16
N PRO B 271 -17.27 -16.36 -8.51
CA PRO B 271 -18.66 -16.09 -8.14
C PRO B 271 -18.80 -16.12 -6.63
N GLY B 272 -19.52 -15.17 -6.05
CA GLY B 272 -19.72 -15.11 -4.61
C GLY B 272 -18.72 -14.26 -3.85
N ASN B 273 -17.73 -13.76 -4.56
CA ASN B 273 -16.70 -12.92 -3.98
C ASN B 273 -17.10 -11.46 -4.19
N THR B 274 -17.51 -10.80 -3.11
CA THR B 274 -18.05 -9.44 -3.20
C THR B 274 -17.01 -8.32 -3.20
N GLU B 275 -15.75 -8.67 -3.00
CA GLU B 275 -14.64 -7.72 -3.10
C GLU B 275 -14.22 -7.53 -4.56
N ILE B 276 -14.56 -8.49 -5.42
CA ILE B 276 -14.36 -8.40 -6.86
C ILE B 276 -15.70 -8.16 -7.55
N ASP B 277 -15.79 -7.14 -8.42
CA ASP B 277 -17.03 -6.87 -9.16
C ASP B 277 -16.92 -7.08 -10.67
N THR B 278 -17.22 -8.31 -11.10
CA THR B 278 -17.46 -8.58 -12.51
C THR B 278 -18.88 -9.03 -12.76
N ARG B 279 -19.82 -8.57 -11.93
CA ARG B 279 -21.22 -9.00 -12.08
C ARG B 279 -21.77 -8.68 -13.47
N THR B 280 -22.55 -9.61 -14.02
CA THR B 280 -23.21 -9.45 -15.30
C THR B 280 -24.69 -9.06 -15.13
N GLY B 281 -25.25 -9.32 -13.97
CA GLY B 281 -26.69 -9.20 -13.76
C GLY B 281 -27.43 -10.18 -14.62
N LEU B 282 -28.67 -9.84 -14.95
CA LEU B 282 -29.53 -10.67 -15.78
C LEU B 282 -29.27 -10.32 -17.25
N ASN B 283 -28.19 -10.86 -17.79
CA ASN B 283 -27.74 -10.54 -19.12
C ASN B 283 -28.03 -11.64 -20.15
N LYS B 284 -28.23 -12.86 -19.68
CA LYS B 284 -28.26 -14.02 -20.58
C LYS B 284 -29.63 -14.17 -21.20
N GLU B 285 -29.67 -14.47 -22.50
CA GLU B 285 -30.93 -14.75 -23.19
C GLU B 285 -31.64 -15.94 -22.52
N MET B 286 -32.95 -15.95 -22.60
CA MET B 286 -33.76 -16.90 -21.83
C MET B 286 -34.87 -17.58 -22.64
N ASP B 287 -35.14 -18.83 -22.28
CA ASP B 287 -36.30 -19.56 -22.75
C ASP B 287 -37.53 -19.07 -22.01
N ILE B 288 -38.65 -18.99 -22.72
CA ILE B 288 -39.94 -18.76 -22.12
C ILE B 288 -40.51 -20.11 -21.73
N ILE B 289 -40.95 -20.24 -20.49
CA ILE B 289 -41.52 -21.47 -19.98
C ILE B 289 -42.88 -21.20 -19.35
N ILE B 290 -43.85 -22.02 -19.70
CA ILE B 290 -45.17 -21.97 -19.09
C ILE B 290 -45.45 -23.37 -18.57
N ASN B 291 -45.72 -23.48 -17.28
CA ASN B 291 -45.99 -24.78 -16.68
C ASN B 291 -46.84 -24.70 -15.42
N THR B 292 -47.12 -25.85 -14.83
CA THR B 292 -47.54 -25.92 -13.45
C THR B 292 -46.53 -26.79 -12.74
N GLU B 293 -46.44 -26.65 -11.42
CA GLU B 293 -45.43 -27.37 -10.63
C GLU B 293 -45.94 -27.68 -9.22
N ASP B 294 -45.66 -28.90 -8.78
CA ASP B 294 -45.62 -29.21 -7.34
C ASP B 294 -44.20 -28.96 -6.85
N GLN B 295 -44.06 -28.04 -5.92
CA GLN B 295 -42.74 -27.63 -5.45
C GLN B 295 -42.47 -28.28 -4.10
N THR B 296 -41.22 -28.67 -3.89
CA THR B 296 -40.78 -29.40 -2.70
C THR B 296 -41.10 -28.68 -1.39
N TRP B 297 -40.94 -27.37 -1.35
CA TRP B 297 -41.24 -26.62 -0.14
C TRP B 297 -42.74 -26.70 0.25
N ARG B 298 -43.58 -27.19 -0.66
CA ARG B 298 -45.01 -27.33 -0.42
C ARG B 298 -45.46 -28.75 -0.11
N SER B 299 -44.99 -29.72 -0.89
CA SER B 299 -45.36 -31.14 -0.69
C SER B 299 -44.49 -31.86 0.38
N SER B 300 -43.25 -31.43 0.57
CA SER B 300 -42.52 -31.81 1.81
C SER B 300 -41.84 -30.60 2.44
N PRO B 301 -42.59 -29.83 3.22
CA PRO B 301 -42.06 -28.61 3.83
C PRO B 301 -40.95 -28.88 4.83
N ALA B 302 -40.09 -27.89 5.03
CA ALA B 302 -38.99 -27.94 6.01
C ALA B 302 -39.46 -28.37 7.40
N SER B 303 -40.54 -27.75 7.86
CA SER B 303 -41.16 -28.00 9.17
C SER B 303 -41.61 -29.44 9.42
N GLY B 304 -41.72 -30.24 8.35
CA GLY B 304 -42.23 -31.59 8.47
C GLY B 304 -43.71 -31.72 8.81
N LEU B 305 -44.46 -30.62 8.75
CA LEU B 305 -45.86 -30.60 9.22
C LEU B 305 -46.90 -30.73 8.11
N GLN B 306 -47.94 -31.51 8.37
CA GLN B 306 -49.08 -31.64 7.48
C GLN B 306 -49.84 -30.32 7.35
N SER B 307 -49.81 -29.50 8.41
CA SER B 307 -50.47 -28.19 8.39
C SER B 307 -49.74 -27.15 7.52
N ASN B 308 -48.52 -27.46 7.09
CA ASN B 308 -47.80 -26.64 6.11
C ASN B 308 -47.61 -27.37 4.78
N THR B 309 -48.31 -28.48 4.59
CA THR B 309 -48.17 -29.29 3.39
C THR B 309 -49.31 -28.92 2.43
N TYR B 310 -48.97 -28.28 1.31
CA TYR B 310 -49.95 -27.81 0.32
C TYR B 310 -49.71 -28.49 -1.02
N THR B 311 -50.40 -29.60 -1.24
CA THR B 311 -50.36 -30.33 -2.50
C THR B 311 -51.74 -31.03 -2.70
N PRO B 312 -52.15 -31.26 -3.94
CA PRO B 312 -53.50 -31.77 -4.16
C PRO B 312 -53.74 -33.19 -3.67
N THR B 313 -54.92 -33.40 -3.10
CA THR B 313 -55.42 -34.74 -2.79
C THR B 313 -56.11 -35.27 -4.02
N ASP B 314 -56.48 -36.54 -3.96
CA ASP B 314 -57.20 -37.21 -5.04
C ASP B 314 -58.56 -36.57 -5.25
N ASN B 315 -59.24 -36.21 -4.16
CA ASN B 315 -60.52 -35.50 -4.22
C ASN B 315 -60.39 -34.19 -4.98
N GLU B 316 -59.37 -33.41 -4.65
CA GLU B 316 -59.15 -32.11 -5.33
C GLU B 316 -58.75 -32.28 -6.81
N LEU B 317 -57.89 -33.25 -7.10
CA LEU B 317 -57.52 -33.53 -8.51
C LEU B 317 -58.70 -34.00 -9.36
N SER B 318 -59.75 -34.52 -8.72
CA SER B 318 -60.93 -34.99 -9.45
C SER B 318 -61.71 -33.84 -10.11
N ASN B 319 -61.51 -32.62 -9.62
CA ASN B 319 -62.00 -31.41 -10.31
C ASN B 319 -60.96 -30.94 -11.31
N ILE B 320 -61.25 -31.19 -12.57
CA ILE B 320 -60.30 -31.00 -13.67
C ILE B 320 -60.06 -29.53 -13.93
N GLU B 321 -61.14 -28.74 -13.92
CA GLU B 321 -61.04 -27.30 -14.16
C GLU B 321 -60.15 -26.62 -13.09
N ASN B 322 -60.26 -27.09 -11.84
CA ASN B 322 -59.48 -26.51 -10.76
C ASN B 322 -57.98 -26.72 -10.96
N ASN B 323 -57.64 -27.81 -11.65
CA ASN B 323 -56.26 -28.15 -11.97
C ASN B 323 -55.91 -28.01 -13.44
N THR B 324 -56.57 -27.07 -14.11
CA THR B 324 -56.26 -26.71 -15.49
C THR B 324 -55.84 -25.24 -15.55
N PHE B 325 -54.61 -25.01 -15.96
CA PHE B 325 -54.05 -23.68 -16.13
C PHE B 325 -54.33 -23.26 -17.55
N GLY B 326 -54.93 -22.09 -17.71
CA GLY B 326 -55.25 -21.55 -19.03
C GLY B 326 -54.50 -20.26 -19.32
N VAL B 327 -53.91 -20.19 -20.51
CA VAL B 327 -53.23 -19.00 -21.00
C VAL B 327 -53.88 -18.63 -22.32
N ASP B 328 -54.57 -17.50 -22.34
CA ASP B 328 -55.23 -17.01 -23.55
C ASP B 328 -54.18 -16.55 -24.56
N TRP B 329 -53.19 -15.80 -24.11
CA TRP B 329 -52.12 -15.37 -24.99
C TRP B 329 -50.88 -14.94 -24.24
N ILE B 330 -49.77 -14.95 -24.97
CA ILE B 330 -48.52 -14.38 -24.50
C ILE B 330 -47.96 -13.52 -25.62
N ARG B 331 -47.71 -12.25 -25.31
CA ARG B 331 -47.24 -11.29 -26.31
C ARG B 331 -45.93 -10.67 -25.87
N ILE B 332 -45.05 -10.44 -26.84
CA ILE B 332 -43.66 -10.04 -26.62
C ILE B 332 -43.38 -8.84 -27.52
N TYR B 333 -42.88 -7.77 -26.93
CA TYR B 333 -42.56 -6.56 -27.67
C TYR B 333 -41.11 -6.18 -27.40
N LYS B 334 -40.47 -5.57 -28.39
CA LYS B 334 -39.13 -5.02 -28.24
C LYS B 334 -39.19 -3.54 -28.54
N PRO B 335 -38.44 -2.71 -27.82
CA PRO B 335 -38.42 -1.28 -28.11
C PRO B 335 -37.49 -1.05 -29.31
N VAL B 336 -37.99 -0.33 -30.32
CA VAL B 336 -37.17 0.07 -31.48
C VAL B 336 -37.29 1.57 -31.78
N GLU B 337 -36.25 2.10 -32.43
CA GLU B 337 -36.19 3.51 -32.76
C GLU B 337 -37.29 3.81 -33.77
N LYS B 338 -38.10 4.84 -33.50
CA LYS B 338 -39.09 5.33 -34.47
C LYS B 338 -38.37 5.89 -35.71
N LEU B 339 -38.88 5.54 -36.90
CA LEU B 339 -38.34 6.07 -38.15
C LEU B 339 -39.17 7.29 -38.51
N VAL C 43 38.27 40.64 28.40
CA VAL C 43 37.48 39.43 28.03
C VAL C 43 38.41 38.26 27.75
N ASP C 44 38.03 37.09 28.24
CA ASP C 44 38.92 35.93 28.20
C ASP C 44 38.25 34.76 27.46
N TRP C 45 39.02 33.69 27.30
CA TRP C 45 38.57 32.50 26.59
C TRP C 45 37.23 31.90 27.06
N LYS C 46 36.86 32.18 28.30
CA LYS C 46 35.59 31.68 28.84
C LYS C 46 34.42 32.64 28.56
N ASP C 47 34.71 33.91 28.28
CA ASP C 47 33.65 34.84 27.88
C ASP C 47 33.16 34.64 26.43
N ILE C 48 33.90 33.88 25.64
CA ILE C 48 33.55 33.72 24.22
C ILE C 48 32.38 32.72 24.11
N PRO C 49 31.29 33.11 23.45
CA PRO C 49 30.12 32.24 23.36
C PRO C 49 30.47 30.98 22.59
N VAL C 50 29.89 29.85 22.97
CA VAL C 50 30.07 28.68 22.13
C VAL C 50 29.03 28.78 20.99
N PRO C 51 29.51 28.68 19.77
CA PRO C 51 28.65 28.88 18.61
C PRO C 51 27.70 27.69 18.37
N ALA C 52 28.03 26.49 18.85
CA ALA C 52 27.14 25.35 18.70
C ALA C 52 25.86 25.47 19.57
N ASP C 53 24.84 24.71 19.23
CA ASP C 53 23.53 24.82 19.90
C ASP C 53 23.31 23.68 20.92
N ALA C 54 23.39 24.01 22.21
CA ALA C 54 23.22 23.05 23.31
C ALA C 54 21.87 22.35 23.36
N GLY C 55 20.85 22.96 22.79
CA GLY C 55 19.52 22.38 22.79
C GLY C 55 18.58 23.08 23.74
N PRO C 56 17.33 22.62 23.77
CA PRO C 56 16.24 23.32 24.48
C PRO C 56 16.40 23.23 25.98
N ASN C 57 16.29 24.36 26.65
CA ASN C 57 16.61 24.50 28.07
C ASN C 57 17.92 23.82 28.46
N MET C 58 18.94 23.95 27.61
CA MET C 58 20.28 23.41 27.88
C MET C 58 21.33 24.52 27.90
N LYS C 59 22.42 24.28 28.61
CA LYS C 59 23.57 25.16 28.62
C LYS C 59 24.87 24.39 28.41
N TRP C 60 25.91 25.14 28.10
CA TRP C 60 27.25 24.60 27.89
C TRP C 60 28.04 24.68 29.17
N GLU C 61 28.52 23.52 29.65
CA GLU C 61 29.31 23.43 30.87
C GLU C 61 30.79 23.29 30.53
N PHE C 62 31.59 24.28 30.92
CA PHE C 62 33.05 24.21 30.81
C PHE C 62 33.61 22.97 31.52
N GLN C 63 34.49 22.25 30.82
CA GLN C 63 35.16 21.08 31.36
C GLN C 63 36.58 21.47 31.77
N GLU C 64 37.01 20.99 32.94
CA GLU C 64 38.29 21.39 33.53
C GLU C 64 39.51 20.85 32.81
N ILE C 65 39.33 19.81 32.00
CA ILE C 65 40.43 19.31 31.17
C ILE C 65 40.82 20.29 30.06
N SER C 66 40.03 21.34 29.86
CA SER C 66 40.42 22.46 29.03
C SER C 66 41.73 23.04 29.54
N ASP C 67 42.46 23.72 28.66
CA ASP C 67 43.76 24.25 28.99
C ASP C 67 44.05 25.51 28.21
N ASN C 68 44.38 26.59 28.92
CA ASN C 68 44.84 27.84 28.29
C ASN C 68 46.35 28.07 28.41
N PHE C 69 47.07 27.05 28.86
CA PHE C 69 48.53 27.02 28.78
C PHE C 69 49.20 28.26 29.37
N GLU C 70 48.67 28.73 30.51
CA GLU C 70 49.21 29.92 31.18
C GLU C 70 50.26 29.55 32.25
N TYR C 71 51.02 28.51 31.99
CA TYR C 71 52.06 28.06 32.89
C TYR C 71 53.33 27.85 32.08
N GLU C 72 54.42 27.46 32.75
CA GLU C 72 55.67 27.15 32.05
C GLU C 72 55.88 25.63 32.08
N ALA C 73 56.30 25.08 30.95
CA ALA C 73 56.61 23.67 30.82
C ALA C 73 57.78 23.52 29.88
N PRO C 74 59.00 23.51 30.42
CA PRO C 74 60.18 23.33 29.58
C PRO C 74 60.12 22.06 28.75
N ALA C 75 60.68 22.12 27.54
CA ALA C 75 60.51 21.06 26.54
C ALA C 75 60.96 19.71 27.06
N ASP C 76 62.14 19.67 27.68
CA ASP C 76 62.70 18.38 28.14
C ASP C 76 62.32 18.03 29.59
N ASN C 77 61.62 18.94 30.27
CA ASN C 77 61.12 18.70 31.63
C ASN C 77 59.82 19.48 31.87
N LYS C 78 58.70 18.86 31.48
CA LYS C 78 57.42 19.55 31.31
C LYS C 78 56.83 20.06 32.63
N GLY C 79 56.98 19.28 33.70
CA GLY C 79 56.48 19.68 35.00
C GLY C 79 55.06 19.20 35.24
N SER C 80 54.58 19.42 36.46
CA SER C 80 53.36 18.78 36.94
C SER C 80 52.07 19.36 36.35
N GLU C 81 52.04 20.66 36.13
CA GLU C 81 50.83 21.28 35.59
C GLU C 81 50.50 20.76 34.16
N PHE C 82 51.52 20.66 33.32
CA PHE C 82 51.36 20.09 31.98
C PHE C 82 50.97 18.63 32.05
N LEU C 83 51.63 17.91 32.94
CA LEU C 83 51.51 16.45 32.98
C LEU C 83 50.21 15.93 33.63
N GLU C 84 49.49 16.80 34.32
CA GLU C 84 48.18 16.40 34.86
C GLU C 84 47.13 16.28 33.74
N LYS C 85 47.29 17.06 32.68
CA LYS C 85 46.35 17.06 31.55
C LYS C 85 46.89 16.41 30.26
N TRP C 86 48.20 16.38 30.11
CA TRP C 86 48.82 16.02 28.83
C TRP C 86 50.00 15.06 28.98
N ASP C 87 50.11 14.14 28.03
CA ASP C 87 51.36 13.41 27.77
C ASP C 87 52.01 14.00 26.51
N ASP C 88 53.33 14.24 26.55
CA ASP C 88 54.02 14.85 25.41
C ASP C 88 54.53 13.86 24.37
N PHE C 89 53.67 12.89 24.02
CA PHE C 89 53.86 12.04 22.85
C PHE C 89 52.50 11.64 22.26
N TYR C 90 52.54 10.94 21.12
CA TYR C 90 51.39 10.24 20.55
C TYR C 90 50.88 9.18 21.53
N HIS C 91 49.66 8.71 21.34
CA HIS C 91 49.02 7.82 22.33
C HIS C 91 49.58 6.37 22.33
N ASN C 92 50.51 6.07 21.42
CA ASN C 92 51.31 4.85 21.49
C ASN C 92 52.73 5.17 20.97
N ALA C 93 53.57 4.15 20.80
CA ALA C 93 55.01 4.36 20.53
C ALA C 93 55.35 4.74 19.08
N TRP C 94 54.44 4.47 18.13
CA TRP C 94 54.57 5.00 16.76
C TRP C 94 55.04 6.45 16.71
N ALA C 95 56.10 6.69 15.94
CA ALA C 95 56.76 8.00 15.89
C ALA C 95 56.26 8.87 14.74
N GLY C 96 55.37 8.32 13.92
CA GLY C 96 54.56 9.13 12.99
C GLY C 96 54.66 8.71 11.54
N PRO C 97 53.93 9.40 10.67
CA PRO C 97 53.91 9.05 9.24
C PRO C 97 54.95 9.82 8.45
N GLY C 98 55.19 9.41 7.20
CA GLY C 98 56.11 10.11 6.32
C GLY C 98 57.49 10.23 6.90
N LEU C 99 58.03 11.44 6.91
CA LEU C 99 59.33 11.76 7.49
C LEU C 99 59.25 12.12 8.99
N THR C 100 58.05 12.05 9.55
CA THR C 100 57.82 12.42 10.94
C THR C 100 58.58 11.50 11.91
N GLU C 101 59.27 12.10 12.88
CA GLU C 101 59.74 11.37 14.06
C GLU C 101 59.44 12.24 15.28
N TRP C 102 58.31 11.95 15.90
CA TRP C 102 57.85 12.73 17.04
C TRP C 102 58.84 12.60 18.18
N LYS C 103 58.94 13.66 18.96
CA LYS C 103 59.84 13.72 20.08
C LYS C 103 59.17 14.49 21.22
N ARG C 104 59.33 14.01 22.44
CA ARG C 104 58.80 14.68 23.62
C ARG C 104 59.32 16.09 23.77
N ASP C 105 60.60 16.27 23.46
CA ASP C 105 61.27 17.55 23.65
C ASP C 105 61.12 18.51 22.46
N ARG C 106 60.14 18.24 21.59
CA ARG C 106 59.77 19.18 20.55
C ARG C 106 58.44 19.88 20.82
N SER C 107 57.88 19.65 22.02
CA SER C 107 56.77 20.43 22.54
C SER C 107 57.19 21.13 23.82
N TYR C 108 56.54 22.24 24.12
CA TYR C 108 56.76 22.99 25.33
C TYR C 108 55.63 24.01 25.53
N VAL C 109 55.53 24.61 26.70
CA VAL C 109 54.59 25.71 26.85
C VAL C 109 55.26 26.95 27.48
N ALA C 110 55.06 28.10 26.84
CA ALA C 110 55.66 29.35 27.27
C ALA C 110 54.87 30.55 26.75
N ASP C 111 54.88 31.64 27.50
CA ASP C 111 54.28 32.91 27.06
C ASP C 111 52.81 32.74 26.71
N GLY C 112 52.12 31.89 27.46
CA GLY C 112 50.70 31.71 27.30
C GLY C 112 50.26 30.75 26.21
N GLU C 113 51.18 30.00 25.61
CA GLU C 113 50.84 29.11 24.50
C GLU C 113 51.51 27.76 24.59
N LEU C 114 50.79 26.73 24.17
CA LEU C 114 51.42 25.48 23.76
C LEU C 114 52.16 25.74 22.45
N LYS C 115 53.44 25.39 22.42
CA LYS C 115 54.27 25.57 21.25
C LYS C 115 54.96 24.28 20.90
N MET C 116 55.29 24.16 19.62
CA MET C 116 55.69 22.89 19.03
C MET C 116 56.49 23.22 17.80
N TRP C 117 57.70 22.69 17.66
CA TRP C 117 58.50 23.04 16.47
C TRP C 117 59.19 21.87 15.82
N ALA C 118 59.74 22.12 14.62
CA ALA C 118 60.34 21.08 13.81
C ALA C 118 61.82 21.34 13.49
N THR C 119 62.65 20.31 13.65
CA THR C 119 64.05 20.37 13.26
C THR C 119 64.42 19.08 12.57
N ARG C 120 65.34 19.15 11.61
CA ARG C 120 65.78 17.93 10.95
C ARG C 120 66.51 16.99 11.92
N LYS C 121 66.24 15.70 11.81
CA LYS C 121 66.96 14.67 12.56
C LYS C 121 68.38 14.51 11.98
N PRO C 122 69.40 14.69 12.80
CA PRO C 122 70.79 14.57 12.31
C PRO C 122 71.04 13.25 11.59
N GLY C 123 71.71 13.31 10.44
CA GLY C 123 72.05 12.13 9.65
C GLY C 123 70.88 11.47 8.93
N SER C 124 69.77 12.18 8.82
CA SER C 124 68.52 11.59 8.34
C SER C 124 67.71 12.61 7.53
N ASP C 125 66.76 12.10 6.72
CA ASP C 125 65.78 12.95 6.03
C ASP C 125 64.61 13.30 6.95
N LYS C 126 64.50 12.56 8.05
CA LYS C 126 63.37 12.68 8.94
C LYS C 126 63.38 13.97 9.71
N ILE C 127 62.18 14.39 10.13
CA ILE C 127 62.03 15.65 10.84
C ILE C 127 61.46 15.37 12.25
N ASN C 128 62.21 15.78 13.26
CA ASN C 128 61.74 15.74 14.63
C ASN C 128 60.74 16.84 14.89
N MET C 129 59.66 16.46 15.58
CA MET C 129 58.46 17.24 15.67
C MET C 129 57.70 16.95 16.95
N GLY C 130 56.80 17.84 17.34
CA GLY C 130 56.00 17.63 18.52
C GLY C 130 54.68 16.87 18.31
N CYS C 131 54.24 16.24 19.40
CA CYS C 131 52.95 15.60 19.49
C CYS C 131 52.60 15.44 20.97
N ILE C 132 51.42 15.93 21.35
CA ILE C 132 50.89 15.71 22.69
C ILE C 132 49.51 15.09 22.61
N THR C 133 49.15 14.32 23.64
CA THR C 133 47.79 13.80 23.78
C THR C 133 47.23 13.92 25.19
N SER C 134 45.92 14.15 25.24
CA SER C 134 45.22 14.32 26.49
C SER C 134 45.28 13.05 27.33
N LYS C 135 45.33 13.22 28.64
CA LYS C 135 45.30 12.11 29.59
C LYS C 135 43.88 11.64 29.91
N THR C 136 42.89 12.46 29.58
CA THR C 136 41.46 12.13 29.68
C THR C 136 40.85 12.14 28.29
N ARG C 137 39.91 11.24 28.05
CA ARG C 137 39.23 11.12 26.78
C ARG C 137 37.93 11.91 26.78
N VAL C 138 37.45 12.24 25.59
CA VAL C 138 36.20 12.98 25.40
C VAL C 138 35.26 12.13 24.55
N VAL C 139 33.97 12.39 24.66
CA VAL C 139 32.96 11.67 23.89
C VAL C 139 31.75 12.57 23.64
N TYR C 140 31.03 12.30 22.55
CA TYR C 140 29.81 13.05 22.23
C TYR C 140 28.84 12.90 23.40
N PRO C 141 27.96 13.88 23.63
CA PRO C 141 27.96 15.18 22.95
C PRO C 141 29.01 16.10 23.57
N VAL C 142 29.78 16.78 22.73
CA VAL C 142 30.88 17.60 23.20
C VAL C 142 31.28 18.63 22.14
N TYR C 143 31.57 19.85 22.60
CA TYR C 143 32.09 20.90 21.74
C TYR C 143 33.53 21.15 22.14
N ILE C 144 34.43 21.05 21.17
CA ILE C 144 35.87 21.23 21.40
C ILE C 144 36.40 22.28 20.44
N GLU C 145 37.11 23.27 20.96
CA GLU C 145 37.57 24.40 20.15
C GLU C 145 38.98 24.84 20.54
N ALA C 146 39.87 24.90 19.57
CA ALA C 146 41.23 25.34 19.78
C ALA C 146 41.48 26.70 19.14
N ARG C 147 42.11 27.61 19.87
CA ARG C 147 42.59 28.86 19.28
C ARG C 147 44.05 28.62 18.90
N ALA C 148 44.32 28.61 17.60
CA ALA C 148 45.59 28.13 17.09
C ALA C 148 46.06 28.95 15.90
N LYS C 149 47.38 28.96 15.67
CA LYS C 149 47.99 29.65 14.56
C LYS C 149 48.70 28.63 13.70
N VAL C 150 48.10 28.35 12.56
CA VAL C 150 48.66 27.45 11.56
C VAL C 150 50.06 27.91 11.16
N MET C 151 51.01 26.98 11.13
CA MET C 151 52.39 27.23 10.72
C MET C 151 52.48 27.72 9.29
N ASN C 152 53.43 28.60 9.04
CA ASN C 152 53.86 28.96 7.70
C ASN C 152 54.87 27.90 7.21
N SER C 153 54.36 26.68 7.02
CA SER C 153 55.16 25.51 6.69
C SER C 153 54.34 24.53 5.85
N THR C 154 55.03 23.68 5.08
CA THR C 154 54.38 22.61 4.32
C THR C 154 53.93 21.47 5.23
N LEU C 155 54.47 21.41 6.44
CA LEU C 155 54.00 20.41 7.42
C LEU C 155 52.56 20.70 7.80
N ALA C 156 51.87 19.67 8.26
CA ALA C 156 50.50 19.80 8.78
C ALA C 156 50.51 20.37 10.18
N SER C 157 49.60 21.30 10.44
CA SER C 157 49.28 21.75 11.78
C SER C 157 47.94 21.11 12.17
N ASP C 158 47.93 20.30 13.24
CA ASP C 158 46.77 19.45 13.54
C ASP C 158 46.28 19.60 14.96
N VAL C 159 44.96 19.70 15.09
CA VAL C 159 44.24 19.44 16.33
C VAL C 159 43.17 18.40 16.01
N TRP C 160 43.21 17.26 16.67
CA TRP C 160 42.38 16.13 16.26
C TRP C 160 42.04 15.16 17.39
N LEU C 161 41.14 14.23 17.10
CA LEU C 161 40.62 13.27 18.08
C LEU C 161 40.77 11.89 17.51
N LEU C 162 41.15 10.95 18.35
CA LEU C 162 41.40 9.58 17.88
C LEU C 162 41.04 8.57 18.96
N SER C 163 40.26 7.56 18.59
CA SER C 163 39.88 6.52 19.53
C SER C 163 41.10 5.68 19.94
N ALA C 164 40.99 5.04 21.09
CA ALA C 164 42.12 4.27 21.64
C ALA C 164 42.57 3.14 20.73
N ASP C 165 41.61 2.52 20.03
CA ASP C 165 41.89 1.40 19.12
C ASP C 165 42.16 1.85 17.66
N ASP C 166 42.28 3.17 17.46
CA ASP C 166 42.68 3.77 16.17
C ASP C 166 41.68 3.56 15.01
N THR C 167 40.41 3.27 15.30
CA THR C 167 39.41 2.99 14.25
C THR C 167 38.52 4.19 13.91
N GLN C 168 38.53 5.21 14.77
CA GLN C 168 37.69 6.39 14.60
C GLN C 168 38.45 7.69 14.88
N GLU C 169 38.26 8.68 14.04
CA GLU C 169 39.05 9.90 14.06
C GLU C 169 38.19 11.10 13.68
N ILE C 170 38.37 12.21 14.40
CA ILE C 170 37.75 13.47 14.02
C ILE C 170 38.84 14.54 13.90
N ASP C 171 38.96 15.14 12.72
CA ASP C 171 39.95 16.20 12.49
C ASP C 171 39.33 17.59 12.58
N ILE C 172 39.63 18.28 13.68
CA ILE C 172 39.10 19.61 13.92
C ILE C 172 39.86 20.64 13.05
N LEU C 173 41.18 20.49 13.03
CA LEU C 173 42.06 21.33 12.23
C LEU C 173 43.16 20.47 11.63
N GLU C 174 43.26 20.51 10.31
CA GLU C 174 44.40 19.92 9.61
C GLU C 174 44.70 20.91 8.49
N ALA C 175 45.84 21.58 8.58
CA ALA C 175 46.13 22.68 7.66
C ALA C 175 47.59 22.76 7.34
N TYR C 176 47.89 22.98 6.06
CA TYR C 176 49.25 23.09 5.53
C TYR C 176 49.42 24.55 5.12
N GLY C 177 50.00 25.37 5.99
CA GLY C 177 49.86 26.82 5.92
C GLY C 177 50.88 27.67 5.16
N ALA C 178 51.94 27.05 4.65
CA ALA C 178 53.02 27.79 4.00
C ALA C 178 52.53 28.67 2.85
N ASP C 179 53.03 29.90 2.81
CA ASP C 179 52.83 30.76 1.65
C ASP C 179 53.50 30.20 0.40
N TYR C 180 54.64 29.53 0.57
CA TYR C 180 55.46 29.04 -0.55
C TYR C 180 56.10 27.69 -0.20
N SER C 181 56.39 26.87 -1.21
CA SER C 181 57.09 25.61 -1.02
C SER C 181 58.31 25.51 -1.89
N GLU C 182 59.49 25.36 -1.30
CA GLU C 182 60.69 25.23 -2.15
C GLU C 182 60.94 23.79 -2.61
N SER C 183 60.41 22.81 -1.89
CA SER C 183 60.47 21.43 -2.34
C SER C 183 59.73 21.27 -3.67
N ALA C 184 58.61 21.97 -3.82
CA ALA C 184 57.77 21.91 -5.04
C ALA C 184 58.11 23.02 -6.04
N GLY C 185 58.78 24.07 -5.54
CA GLY C 185 59.06 25.26 -6.31
C GLY C 185 57.79 25.97 -6.73
N LYS C 186 56.92 26.26 -5.77
CA LYS C 186 55.70 26.98 -6.09
C LYS C 186 55.06 27.73 -4.93
N ASP C 187 54.37 28.80 -5.30
CA ASP C 187 53.36 29.43 -4.47
C ASP C 187 52.46 28.34 -3.89
N HIS C 188 52.32 28.36 -2.56
CA HIS C 188 51.65 27.30 -1.80
C HIS C 188 50.26 27.76 -1.31
N SER C 189 49.71 28.80 -1.96
CA SER C 189 48.46 29.44 -1.49
C SER C 189 47.21 28.60 -1.73
N TYR C 190 47.29 27.66 -2.64
CA TYR C 190 46.25 26.65 -2.81
C TYR C 190 45.93 26.00 -1.46
N PHE C 191 46.98 25.66 -0.71
CA PHE C 191 46.84 25.06 0.62
C PHE C 191 46.83 26.11 1.78
N SER C 192 47.56 27.21 1.62
CA SER C 192 47.65 28.22 2.68
C SER C 192 46.28 28.85 3.01
N LYS C 193 45.37 28.84 2.04
CA LYS C 193 44.00 29.34 2.19
C LYS C 193 42.94 28.27 2.55
N LYS C 194 43.39 27.02 2.73
CA LYS C 194 42.49 25.92 3.04
C LYS C 194 42.71 25.33 4.44
N VAL C 195 41.60 24.93 5.06
CA VAL C 195 41.60 24.16 6.30
C VAL C 195 40.84 22.85 6.03
N HIS C 196 41.52 21.73 6.24
CA HIS C 196 40.91 20.42 6.09
C HIS C 196 40.16 20.09 7.37
N ILE C 197 38.86 19.86 7.22
CA ILE C 197 37.95 19.53 8.30
C ILE C 197 37.23 18.23 7.91
N SER C 198 37.46 17.19 8.70
CA SER C 198 37.14 15.84 8.26
C SER C 198 37.00 14.89 9.44
N HIS C 199 36.82 13.62 9.09
CA HIS C 199 36.82 12.53 10.02
C HIS C 199 37.19 11.25 9.27
N HIS C 200 37.78 10.28 9.97
CA HIS C 200 38.07 8.98 9.39
C HIS C 200 37.41 7.84 10.17
N VAL C 201 37.04 6.78 9.47
CA VAL C 201 36.78 5.49 10.11
C VAL C 201 37.71 4.49 9.44
N PHE C 202 38.40 3.68 10.24
CA PHE C 202 39.38 2.72 9.74
C PHE C 202 39.01 1.25 10.00
N ILE C 203 39.61 0.37 9.20
CA ILE C 203 39.84 -1.03 9.56
C ILE C 203 41.36 -1.19 9.62
N ARG C 204 41.89 -1.74 10.70
CA ARG C 204 43.34 -1.71 10.92
C ARG C 204 44.10 -2.79 10.18
N ASP C 205 43.50 -3.98 10.05
CA ASP C 205 44.16 -5.09 9.33
C ASP C 205 43.13 -6.01 8.65
N PRO C 206 43.10 -6.05 7.32
CA PRO C 206 43.95 -5.22 6.45
C PRO C 206 43.49 -3.76 6.43
N PHE C 207 44.44 -2.86 6.23
CA PHE C 207 44.19 -1.42 6.32
C PHE C 207 43.17 -0.89 5.32
N GLN C 208 42.08 -0.31 5.84
CA GLN C 208 41.13 0.47 5.04
C GLN C 208 40.95 1.84 5.70
N ASP C 209 40.60 2.83 4.90
CA ASP C 209 40.49 4.20 5.37
C ASP C 209 39.42 4.93 4.57
N TYR C 210 38.39 5.40 5.25
CA TYR C 210 37.38 6.26 4.64
C TYR C 210 37.39 7.63 5.30
N GLN C 211 37.23 8.65 4.46
CA GLN C 211 36.85 9.98 4.91
C GLN C 211 36.01 10.61 3.81
N PRO C 212 35.20 11.60 4.15
CA PRO C 212 34.50 12.40 3.15
C PRO C 212 35.52 13.10 2.26
N LYS C 213 35.28 13.11 0.95
CA LYS C 213 36.21 13.71 0.00
C LYS C 213 35.58 14.83 -0.83
N ASP C 214 34.34 15.21 -0.55
CA ASP C 214 33.73 16.33 -1.27
C ASP C 214 34.45 17.65 -0.97
N ALA C 215 34.20 18.63 -1.81
CA ALA C 215 34.99 19.87 -1.82
C ALA C 215 34.83 20.65 -0.54
N GLY C 216 33.66 20.59 0.07
CA GLY C 216 33.41 21.27 1.34
C GLY C 216 34.29 20.83 2.51
N SER C 217 34.93 19.66 2.42
CA SER C 217 35.86 19.20 3.48
C SER C 217 37.16 20.03 3.54
N TRP C 218 37.39 20.88 2.53
CA TRP C 218 38.47 21.86 2.54
C TRP C 218 37.87 23.27 2.55
N PHE C 219 37.77 23.88 3.73
CA PHE C 219 37.21 25.24 3.84
C PHE C 219 38.16 26.34 3.37
N GLU C 220 37.61 27.30 2.64
CA GLU C 220 38.35 28.45 2.13
C GLU C 220 37.41 29.65 2.01
N ASP C 221 37.83 30.83 2.48
CA ASP C 221 37.13 32.08 2.16
C ASP C 221 38.06 33.25 1.83
N GLY C 222 39.32 32.99 1.50
CA GLY C 222 40.28 34.06 1.24
C GLY C 222 41.27 34.27 2.36
N THR C 223 40.92 33.82 3.55
CA THR C 223 41.79 33.93 4.70
C THR C 223 43.02 33.09 4.48
N VAL C 224 44.19 33.69 4.71
CA VAL C 224 45.46 33.00 4.82
C VAL C 224 45.68 32.67 6.31
N TRP C 225 45.49 31.40 6.66
CA TRP C 225 45.39 30.96 8.06
C TRP C 225 46.66 31.19 8.89
N ASN C 226 47.84 31.20 8.25
CA ASN C 226 49.10 31.37 9.00
C ASN C 226 49.33 32.76 9.61
N LYS C 227 48.55 33.74 9.19
CA LYS C 227 48.79 35.13 9.59
C LYS C 227 48.29 35.44 11.01
N GLU C 228 47.24 34.73 11.44
CA GLU C 228 46.63 34.99 12.74
C GLU C 228 46.24 33.69 13.46
N PHE C 229 46.03 33.83 14.76
CA PHE C 229 45.29 32.86 15.54
C PHE C 229 43.81 32.89 15.12
N HIS C 230 43.24 31.71 14.92
CA HIS C 230 41.82 31.56 14.65
C HIS C 230 41.31 30.48 15.55
N ARG C 231 39.99 30.42 15.70
CA ARG C 231 39.35 29.39 16.49
C ARG C 231 38.81 28.30 15.59
N PHE C 232 39.18 27.06 15.86
CA PHE C 232 38.71 25.92 15.10
C PHE C 232 38.05 24.96 16.08
N GLY C 233 36.77 24.68 15.81
CA GLY C 233 35.96 23.86 16.71
C GLY C 233 35.09 22.82 16.01
N VAL C 234 34.68 21.83 16.78
CA VAL C 234 33.74 20.82 16.32
C VAL C 234 32.71 20.54 17.40
N TYR C 235 31.44 20.50 17.00
CA TYR C 235 30.39 19.90 17.80
C TYR C 235 30.20 18.48 17.36
N TRP C 236 30.79 17.58 18.12
CA TRP C 236 30.56 16.15 17.97
C TRP C 236 29.30 15.84 18.78
N ARG C 237 28.14 15.96 18.14
CA ARG C 237 26.85 15.87 18.81
C ARG C 237 26.45 14.44 19.13
N ASP C 238 26.58 13.57 18.15
CA ASP C 238 26.29 12.15 18.31
C ASP C 238 27.10 11.36 17.28
N PRO C 239 27.00 10.03 17.26
CA PRO C 239 27.82 9.24 16.33
C PRO C 239 27.59 9.52 14.84
N TRP C 240 26.56 10.28 14.50
CA TRP C 240 26.21 10.50 13.10
C TRP C 240 26.10 11.98 12.75
N HIS C 241 26.64 12.87 13.58
CA HIS C 241 26.49 14.29 13.31
C HIS C 241 27.62 15.11 13.88
N LEU C 242 28.31 15.80 12.98
CA LEU C 242 29.42 16.72 13.31
C LEU C 242 29.15 18.09 12.70
N GLU C 243 29.49 19.14 13.44
CA GLU C 243 29.43 20.50 12.94
C GLU C 243 30.78 21.19 13.22
N TYR C 244 31.34 21.81 12.19
CA TYR C 244 32.63 22.47 12.28
C TYR C 244 32.41 23.98 12.33
N TYR C 245 33.11 24.63 13.26
CA TYR C 245 33.02 26.07 13.44
C TYR C 245 34.38 26.72 13.34
N ILE C 246 34.48 27.75 12.54
CA ILE C 246 35.70 28.55 12.47
C ILE C 246 35.33 29.97 12.88
N ASP C 247 36.09 30.53 13.83
CA ASP C 247 35.83 31.86 14.36
C ASP C 247 34.37 32.09 14.69
N GLY C 248 33.75 31.09 15.30
CA GLY C 248 32.38 31.20 15.80
C GLY C 248 31.30 31.02 14.76
N VAL C 249 31.70 30.61 13.57
CA VAL C 249 30.79 30.52 12.44
C VAL C 249 30.69 29.08 11.96
N LEU C 250 29.47 28.61 11.76
CA LEU C 250 29.24 27.26 11.24
C LEU C 250 29.70 27.25 9.78
N VAL C 251 30.70 26.44 9.47
CA VAL C 251 31.21 26.35 8.11
C VAL C 251 30.87 25.03 7.42
N ARG C 252 30.47 24.00 8.18
CA ARG C 252 30.23 22.67 7.59
C ARG C 252 29.49 21.75 8.53
N THR C 253 28.55 20.99 7.97
CA THR C 253 27.82 19.97 8.71
C THR C 253 27.91 18.61 8.00
N VAL C 254 28.39 17.62 8.72
CA VAL C 254 28.57 16.27 8.22
C VAL C 254 27.69 15.34 9.06
N SER C 255 26.66 14.79 8.42
CA SER C 255 25.52 14.20 9.12
C SER C 255 24.89 13.05 8.35
N GLY C 256 24.63 11.94 9.03
CA GLY C 256 24.00 10.79 8.44
C GLY C 256 25.02 9.74 8.02
N LYS C 257 24.53 8.51 7.93
CA LYS C 257 25.33 7.33 7.63
C LYS C 257 26.01 7.38 6.28
N ASP C 258 25.34 7.94 5.28
CA ASP C 258 25.84 7.95 3.91
C ASP C 258 27.13 8.72 3.78
N ILE C 259 27.30 9.78 4.58
CA ILE C 259 28.55 10.54 4.58
C ILE C 259 29.54 10.14 5.72
N ILE C 260 29.01 9.69 6.87
CA ILE C 260 29.84 9.33 8.02
C ILE C 260 30.49 7.98 7.86
N ASP C 261 29.72 6.97 7.47
CA ASP C 261 30.28 5.63 7.32
C ASP C 261 29.55 4.78 6.28
N PRO C 262 29.57 5.21 5.02
CA PRO C 262 28.86 4.48 3.97
C PRO C 262 29.41 3.08 3.69
N LYS C 263 30.71 2.86 3.89
CA LYS C 263 31.30 1.55 3.63
C LYS C 263 31.26 0.58 4.83
N HIS C 264 30.42 0.86 5.82
CA HIS C 264 30.18 -0.03 7.00
C HIS C 264 31.43 -0.43 7.79
N PHE C 265 32.44 0.46 7.85
CA PHE C 265 33.68 0.20 8.61
C PHE C 265 33.44 0.13 10.14
N THR C 266 32.32 0.70 10.59
CA THR C 266 31.98 0.71 12.02
C THR C 266 30.97 -0.36 12.40
N ASN C 267 30.79 -1.38 11.56
CA ASN C 267 29.98 -2.54 11.93
C ASN C 267 30.54 -3.18 13.17
N THR C 268 29.70 -3.41 14.17
CA THR C 268 30.10 -4.30 15.27
C THR C 268 30.36 -5.72 14.74
N THR C 269 29.57 -6.16 13.74
CA THR C 269 29.75 -7.48 13.10
C THR C 269 30.23 -7.39 11.62
N ASP C 270 31.48 -7.83 11.39
CA ASP C 270 32.13 -7.83 10.07
C ASP C 270 32.31 -6.39 9.53
N PRO C 271 33.40 -5.74 9.93
CA PRO C 271 33.78 -4.45 9.36
C PRO C 271 34.05 -4.55 7.86
N GLY C 272 33.35 -3.70 7.08
CA GLY C 272 33.49 -3.67 5.65
C GLY C 272 32.32 -4.31 4.91
N ASN C 273 31.50 -5.09 5.61
CA ASN C 273 30.34 -5.76 5.00
C ASN C 273 29.16 -4.82 4.83
N THR C 274 28.95 -4.36 3.60
CA THR C 274 27.96 -3.32 3.35
C THR C 274 26.54 -3.80 3.07
N GLU C 275 26.26 -5.09 3.28
CA GLU C 275 24.89 -5.60 3.11
C GLU C 275 24.10 -5.71 4.41
N ILE C 276 24.79 -5.78 5.54
CA ILE C 276 24.15 -5.83 6.87
C ILE C 276 24.61 -4.63 7.70
N ASP C 277 23.65 -3.89 8.22
CA ASP C 277 23.93 -2.66 8.94
C ASP C 277 23.97 -2.86 10.47
N THR C 278 25.18 -2.94 11.02
CA THR C 278 25.41 -2.89 12.47
C THR C 278 26.43 -1.79 12.83
N ARG C 279 26.35 -0.68 12.10
CA ARG C 279 27.26 0.43 12.28
C ARG C 279 27.00 1.17 13.59
N THR C 280 28.08 1.50 14.28
CA THR C 280 28.02 2.30 15.49
C THR C 280 28.18 3.78 15.23
N GLY C 281 28.82 4.13 14.12
CA GLY C 281 29.20 5.50 13.86
C GLY C 281 30.38 5.89 14.73
N LEU C 282 30.54 7.19 14.92
CA LEU C 282 31.61 7.76 15.72
C LEU C 282 31.21 7.74 17.20
N ASN C 283 31.19 6.55 17.77
CA ASN C 283 30.63 6.32 19.09
C ASN C 283 31.69 6.19 20.18
N LYS C 284 32.95 5.98 19.79
CA LYS C 284 34.00 5.64 20.73
C LYS C 284 34.66 6.90 21.31
N GLU C 285 34.88 6.87 22.61
CA GLU C 285 35.66 7.87 23.32
C GLU C 285 36.95 8.13 22.58
N MET C 286 37.45 9.35 22.64
CA MET C 286 38.65 9.70 21.89
C MET C 286 39.67 10.54 22.68
N ASP C 287 40.95 10.25 22.45
CA ASP C 287 42.05 11.11 22.93
C ASP C 287 42.09 12.38 22.09
N ILE C 288 42.38 13.51 22.72
CA ILE C 288 42.67 14.76 22.02
C ILE C 288 44.16 14.76 21.70
N ILE C 289 44.49 15.02 20.43
CA ILE C 289 45.89 15.05 19.97
C ILE C 289 46.17 16.39 19.29
N ILE C 290 47.28 17.02 19.66
CA ILE C 290 47.77 18.22 18.99
C ILE C 290 49.19 17.94 18.53
N ASN C 291 49.42 18.03 17.23
CA ASN C 291 50.75 17.78 16.70
C ASN C 291 51.03 18.55 15.42
N THR C 292 52.21 18.33 14.87
CA THR C 292 52.48 18.61 13.48
C THR C 292 52.94 17.30 12.84
N GLU C 293 52.81 17.20 11.51
CA GLU C 293 53.13 15.98 10.77
C GLU C 293 53.67 16.27 9.38
N ASP C 294 54.71 15.54 9.02
CA ASP C 294 55.01 15.30 7.61
C ASP C 294 54.27 14.06 7.17
N GLN C 295 53.40 14.21 6.18
CA GLN C 295 52.54 13.11 5.75
C GLN C 295 53.02 12.57 4.41
N THR C 296 52.85 11.26 4.24
CA THR C 296 53.36 10.51 3.11
C THR C 296 52.85 11.07 1.77
N TRP C 297 51.54 11.33 1.66
CA TRP C 297 50.98 11.87 0.41
C TRP C 297 51.60 13.23 -0.04
N ARG C 298 52.31 13.92 0.86
CA ARG C 298 52.99 15.17 0.53
C ARG C 298 54.49 15.02 0.26
N SER C 299 55.20 14.26 1.08
CA SER C 299 56.66 14.07 0.93
C SER C 299 57.00 12.89 -0.01
N SER C 300 56.09 11.94 -0.17
CA SER C 300 56.24 10.88 -1.17
C SER C 300 54.96 10.73 -1.97
N PRO C 301 54.58 11.76 -2.72
CA PRO C 301 53.33 11.70 -3.49
C PRO C 301 53.37 10.50 -4.44
N ALA C 302 52.19 9.93 -4.71
CA ALA C 302 52.02 8.75 -5.57
C ALA C 302 52.52 8.99 -6.98
N SER C 303 52.29 10.20 -7.46
CA SER C 303 52.76 10.63 -8.78
C SER C 303 54.29 10.52 -8.93
N GLY C 304 55.02 10.67 -7.83
CA GLY C 304 56.48 10.66 -7.87
C GLY C 304 57.07 11.95 -8.44
N LEU C 305 56.26 13.00 -8.56
CA LEU C 305 56.73 14.26 -9.11
C LEU C 305 57.17 15.18 -7.98
N GLN C 306 58.33 15.78 -8.16
CA GLN C 306 58.84 16.78 -7.23
C GLN C 306 57.91 18.00 -7.19
N SER C 307 57.24 18.28 -8.31
CA SER C 307 56.29 19.40 -8.42
C SER C 307 55.09 19.28 -7.48
N ASN C 308 54.72 18.04 -7.12
CA ASN C 308 53.70 17.78 -6.10
C ASN C 308 54.28 17.28 -4.79
N THR C 309 55.53 17.66 -4.51
CA THR C 309 56.23 17.25 -3.30
C THR C 309 56.37 18.45 -2.38
N TYR C 310 55.63 18.39 -1.27
CA TYR C 310 55.52 19.48 -0.31
C TYR C 310 56.01 19.04 1.08
N THR C 311 57.26 19.36 1.37
CA THR C 311 57.88 19.04 2.64
C THR C 311 59.08 19.99 2.88
N PRO C 312 59.37 20.35 4.12
CA PRO C 312 60.40 21.37 4.36
C PRO C 312 61.81 20.99 3.88
N THR C 313 62.51 21.94 3.24
CA THR C 313 63.95 21.82 3.01
C THR C 313 64.67 22.32 4.25
N ASP C 314 65.99 22.10 4.29
CA ASP C 314 66.82 22.57 5.39
C ASP C 314 66.80 24.07 5.49
N ASN C 315 66.79 24.72 4.33
CA ASN C 315 66.75 26.17 4.28
C ASN C 315 65.45 26.66 4.93
N GLU C 316 64.36 25.94 4.67
CA GLU C 316 63.07 26.31 5.25
C GLU C 316 63.01 26.01 6.75
N LEU C 317 63.62 24.90 7.16
CA LEU C 317 63.66 24.52 8.57
C LEU C 317 64.53 25.46 9.41
N SER C 318 65.39 26.26 8.76
CA SER C 318 66.27 27.16 9.50
C SER C 318 65.51 28.35 10.06
N ASN C 319 64.31 28.58 9.52
CA ASN C 319 63.37 29.55 10.09
C ASN C 319 62.43 28.82 11.07
N ILE C 320 62.74 28.98 12.36
CA ILE C 320 62.07 28.26 13.41
C ILE C 320 60.62 28.71 13.63
N GLU C 321 60.37 30.01 13.55
CA GLU C 321 59.02 30.57 13.73
C GLU C 321 58.01 30.08 12.67
N ASN C 322 58.47 29.94 11.42
CA ASN C 322 57.69 29.36 10.33
C ASN C 322 57.30 27.91 10.60
N ASN C 323 58.13 27.21 11.36
CA ASN C 323 57.89 25.81 11.70
C ASN C 323 57.58 25.61 13.18
N THR C 324 56.93 26.60 13.77
CA THR C 324 56.46 26.50 15.14
C THR C 324 54.95 26.66 15.16
N PHE C 325 54.25 25.64 15.63
CA PHE C 325 52.80 25.66 15.76
C PHE C 325 52.43 26.14 17.13
N GLY C 326 51.56 27.14 17.20
CA GLY C 326 51.11 27.68 18.46
C GLY C 326 49.63 27.49 18.72
N VAL C 327 49.31 27.05 19.94
CA VAL C 327 47.93 26.90 20.38
C VAL C 327 47.76 27.70 21.67
N ASP C 328 46.99 28.77 21.60
CA ASP C 328 46.73 29.65 22.73
C ASP C 328 45.90 28.92 23.77
N TRP C 329 44.85 28.26 23.33
CA TRP C 329 44.03 27.45 24.24
C TRP C 329 43.19 26.42 23.51
N ILE C 330 42.71 25.45 24.28
CA ILE C 330 41.75 24.47 23.83
C ILE C 330 40.70 24.33 24.93
N ARG C 331 39.44 24.59 24.59
CA ARG C 331 38.36 24.54 25.55
C ARG C 331 37.32 23.51 25.12
N ILE C 332 36.77 22.83 26.10
CA ILE C 332 35.87 21.70 25.91
C ILE C 332 34.62 21.95 26.76
N TYR C 333 33.45 21.86 26.13
CA TYR C 333 32.17 22.04 26.80
C TYR C 333 31.29 20.81 26.56
N LYS C 334 30.42 20.54 27.54
CA LYS C 334 29.42 19.49 27.43
C LYS C 334 28.04 20.12 27.63
N PRO C 335 27.03 19.66 26.90
CA PRO C 335 25.68 20.20 27.09
C PRO C 335 25.03 19.53 28.30
N VAL C 336 24.53 20.31 29.25
CA VAL C 336 23.85 19.83 30.45
C VAL C 336 22.53 20.60 30.67
N GLU C 337 21.62 20.05 31.46
CA GLU C 337 20.31 20.67 31.69
C GLU C 337 20.39 21.96 32.50
N LYS C 338 19.45 22.86 32.22
CA LYS C 338 19.06 24.01 33.07
C LYS C 338 19.37 25.32 32.35
N VAL D 43 -11.27 8.35 9.58
CA VAL D 43 -11.49 6.91 9.88
C VAL D 43 -10.37 6.02 9.33
N ASP D 44 -9.77 6.38 8.19
CA ASP D 44 -8.74 5.52 7.59
C ASP D 44 -7.38 5.59 8.31
N TRP D 45 -6.85 4.41 8.63
CA TRP D 45 -5.61 4.28 9.41
C TRP D 45 -4.43 5.08 8.88
N LYS D 46 -4.28 5.12 7.56
CA LYS D 46 -3.16 5.86 6.93
C LYS D 46 -3.24 7.38 7.11
N ASP D 47 -4.47 7.91 7.20
CA ASP D 47 -4.72 9.35 7.37
C ASP D 47 -4.71 9.87 8.82
N ILE D 48 -4.68 8.98 9.82
CA ILE D 48 -4.62 9.41 11.20
C ILE D 48 -3.27 10.11 11.40
N PRO D 49 -3.26 11.36 11.87
CA PRO D 49 -2.00 12.08 12.08
C PRO D 49 -0.99 11.31 12.92
N VAL D 50 0.30 11.44 12.60
CA VAL D 50 1.30 10.81 13.45
C VAL D 50 1.69 11.83 14.51
N PRO D 51 1.62 11.42 15.76
CA PRO D 51 1.74 12.37 16.88
C PRO D 51 3.17 12.83 17.13
N ALA D 52 4.15 12.09 16.65
CA ALA D 52 5.52 12.55 16.75
C ALA D 52 5.80 13.59 15.67
N ASP D 53 6.82 14.41 15.92
CA ASP D 53 7.17 15.55 15.09
C ASP D 53 8.47 15.24 14.36
N ALA D 54 8.38 15.06 13.06
CA ALA D 54 9.57 14.91 12.22
C ALA D 54 10.31 16.24 12.11
N GLY D 55 9.56 17.35 12.12
CA GLY D 55 10.11 18.71 11.95
C GLY D 55 9.57 19.38 10.69
N PRO D 56 9.63 20.72 10.57
CA PRO D 56 9.18 21.43 9.36
C PRO D 56 10.09 21.12 8.15
N ASN D 57 11.33 20.81 8.47
CA ASN D 57 12.28 20.14 7.57
C ASN D 57 11.72 18.89 6.83
N MET D 58 10.94 18.09 7.56
CA MET D 58 10.62 16.71 7.18
C MET D 58 9.14 16.40 7.19
N LYS D 59 8.83 15.16 6.80
CA LYS D 59 7.46 14.66 6.74
C LYS D 59 7.42 13.13 6.93
N TRP D 60 6.29 12.62 7.39
CA TRP D 60 6.19 11.19 7.69
C TRP D 60 5.80 10.37 6.45
N GLU D 61 6.63 9.41 6.09
CA GLU D 61 6.35 8.51 4.95
C GLU D 61 5.85 7.15 5.44
N PHE D 62 4.62 6.80 5.07
CA PHE D 62 4.09 5.47 5.30
C PHE D 62 4.98 4.36 4.72
N GLN D 63 5.29 3.34 5.51
CA GLN D 63 6.10 2.21 5.07
C GLN D 63 5.17 1.04 4.74
N GLU D 64 5.41 0.38 3.61
CA GLU D 64 4.53 -0.67 3.09
C GLU D 64 4.52 -1.95 3.93
N ILE D 65 5.53 -2.13 4.78
CA ILE D 65 5.53 -3.25 5.73
C ILE D 65 4.46 -3.13 6.81
N SER D 66 3.84 -1.96 6.92
CA SER D 66 2.64 -1.78 7.74
C SER D 66 1.57 -2.78 7.32
N ASP D 67 0.66 -3.06 8.24
CA ASP D 67 -0.36 -4.05 7.99
C ASP D 67 -1.61 -3.72 8.75
N ASN D 68 -2.73 -3.63 8.04
CA ASN D 68 -4.05 -3.50 8.68
C ASN D 68 -4.89 -4.78 8.64
N PHE D 69 -4.26 -5.90 8.27
CA PHE D 69 -4.82 -7.24 8.47
C PHE D 69 -6.21 -7.41 7.88
N GLU D 70 -6.43 -6.84 6.69
CA GLU D 70 -7.73 -6.90 6.03
C GLU D 70 -7.80 -8.07 5.05
N TYR D 71 -7.15 -9.17 5.41
CA TYR D 71 -7.19 -10.40 4.60
C TYR D 71 -7.56 -11.55 5.51
N GLU D 72 -7.65 -12.75 4.95
CA GLU D 72 -7.90 -13.96 5.72
C GLU D 72 -6.59 -14.75 5.80
N ALA D 73 -6.27 -15.25 7.00
CA ALA D 73 -5.11 -16.09 7.20
C ALA D 73 -5.46 -17.15 8.24
N PRO D 74 -5.95 -18.31 7.78
CA PRO D 74 -6.27 -19.41 8.70
C PRO D 74 -5.09 -19.81 9.56
N ALA D 75 -5.36 -20.16 10.82
CA ALA D 75 -4.32 -20.38 11.83
C ALA D 75 -3.25 -21.38 11.38
N ASP D 76 -3.71 -22.52 10.85
CA ASP D 76 -2.86 -23.64 10.46
C ASP D 76 -2.33 -23.52 9.05
N ASN D 77 -2.86 -22.57 8.27
CA ASN D 77 -2.42 -22.33 6.89
C ASN D 77 -2.56 -20.86 6.53
N LYS D 78 -1.54 -20.08 6.85
CA LYS D 78 -1.66 -18.61 6.90
C LYS D 78 -1.89 -17.96 5.53
N GLY D 79 -1.24 -18.51 4.50
CA GLY D 79 -1.42 -18.03 3.14
C GLY D 79 -0.40 -16.95 2.79
N SER D 80 -0.42 -16.54 1.52
CA SER D 80 0.68 -15.77 0.98
C SER D 80 0.68 -14.30 1.38
N GLU D 81 -0.48 -13.69 1.62
CA GLU D 81 -0.53 -12.29 2.05
C GLU D 81 0.07 -12.10 3.45
N PHE D 82 -0.30 -12.97 4.38
CA PHE D 82 0.30 -12.94 5.71
C PHE D 82 1.80 -13.17 5.63
N LEU D 83 2.20 -14.18 4.86
CA LEU D 83 3.58 -14.66 4.85
C LEU D 83 4.57 -13.76 4.10
N GLU D 84 4.08 -12.81 3.31
CA GLU D 84 4.97 -11.81 2.69
C GLU D 84 5.52 -10.83 3.74
N LYS D 85 4.74 -10.56 4.78
CA LYS D 85 5.13 -9.60 5.82
C LYS D 85 5.50 -10.25 7.16
N TRP D 86 4.98 -11.44 7.44
CA TRP D 86 5.06 -12.02 8.77
C TRP D 86 5.44 -13.50 8.75
N ASP D 87 6.24 -13.90 9.73
CA ASP D 87 6.43 -15.29 10.10
C ASP D 87 5.61 -15.52 11.38
N ASP D 88 4.83 -16.60 11.42
CA ASP D 88 3.96 -16.84 12.58
C ASP D 88 4.64 -17.58 13.75
N PHE D 89 5.88 -17.21 14.05
CA PHE D 89 6.56 -17.64 15.26
C PHE D 89 7.40 -16.48 15.82
N TYR D 90 8.06 -16.72 16.94
CA TYR D 90 9.14 -15.89 17.47
C TYR D 90 10.31 -15.84 16.46
N HIS D 91 11.32 -15.00 16.68
CA HIS D 91 12.40 -14.85 15.70
C HIS D 91 13.53 -15.91 15.78
N ASN D 92 13.41 -16.85 16.73
CA ASN D 92 14.13 -18.13 16.70
C ASN D 92 13.23 -19.23 17.26
N ALA D 93 13.72 -20.45 17.40
CA ALA D 93 12.83 -21.57 17.74
C ALA D 93 12.49 -21.63 19.23
N TRP D 94 13.05 -20.75 20.05
CA TRP D 94 12.68 -20.72 21.47
C TRP D 94 11.17 -20.71 21.64
N ALA D 95 10.66 -21.53 22.54
CA ALA D 95 9.21 -21.68 22.71
C ALA D 95 8.58 -20.65 23.65
N GLY D 96 9.40 -19.83 24.31
CA GLY D 96 8.90 -18.75 25.15
C GLY D 96 9.22 -18.91 26.61
N PRO D 97 8.98 -17.87 27.40
CA PRO D 97 9.29 -17.90 28.83
C PRO D 97 8.22 -18.61 29.68
N GLY D 98 8.52 -18.84 30.95
CA GLY D 98 7.57 -19.35 31.92
C GLY D 98 6.83 -20.57 31.42
N LEU D 99 5.51 -20.50 31.50
CA LEU D 99 4.65 -21.57 31.01
C LEU D 99 4.34 -21.44 29.50
N THR D 100 4.91 -20.43 28.84
CA THR D 100 4.67 -20.21 27.42
C THR D 100 5.19 -21.37 26.57
N GLU D 101 4.38 -21.80 25.62
CA GLU D 101 4.82 -22.63 24.52
C GLU D 101 4.21 -22.09 23.23
N TRP D 102 4.95 -21.24 22.54
CA TRP D 102 4.43 -20.57 21.37
C TRP D 102 4.11 -21.61 20.31
N LYS D 103 3.10 -21.32 19.51
CA LYS D 103 2.65 -22.21 18.46
C LYS D 103 2.23 -21.37 17.26
N ARG D 104 2.61 -21.82 16.06
CA ARG D 104 2.24 -21.14 14.83
C ARG D 104 0.73 -21.09 14.65
N ASP D 105 0.02 -22.14 15.07
CA ASP D 105 -1.42 -22.24 14.88
C ASP D 105 -2.23 -21.62 16.02
N ARG D 106 -1.59 -20.77 16.80
CA ARG D 106 -2.30 -19.98 17.80
C ARG D 106 -2.36 -18.49 17.42
N SER D 107 -1.94 -18.19 16.19
CA SER D 107 -2.20 -16.90 15.56
C SER D 107 -3.02 -17.11 14.29
N TYR D 108 -3.76 -16.08 13.92
CA TYR D 108 -4.52 -16.05 12.67
C TYR D 108 -4.99 -14.63 12.38
N VAL D 109 -5.53 -14.39 11.18
CA VAL D 109 -6.18 -13.11 10.93
C VAL D 109 -7.55 -13.29 10.29
N ALA D 110 -8.52 -12.59 10.87
CA ALA D 110 -9.90 -12.62 10.40
C ALA D 110 -10.64 -11.40 10.88
N ASP D 111 -11.66 -11.01 10.10
CA ASP D 111 -12.56 -9.90 10.47
C ASP D 111 -11.79 -8.60 10.67
N GLY D 112 -10.72 -8.42 9.90
CA GLY D 112 -9.93 -7.21 9.89
C GLY D 112 -8.91 -7.07 11.01
N GLU D 113 -8.62 -8.17 11.73
CA GLU D 113 -7.70 -8.16 12.86
C GLU D 113 -6.73 -9.31 12.87
N LEU D 114 -5.50 -9.04 13.28
CA LEU D 114 -4.60 -10.08 13.76
C LEU D 114 -5.12 -10.55 15.10
N LYS D 115 -5.33 -11.85 15.23
CA LYS D 115 -5.85 -12.43 16.46
C LYS D 115 -4.97 -13.57 16.93
N MET D 116 -4.99 -13.79 18.24
CA MET D 116 -3.98 -14.60 18.89
C MET D 116 -4.59 -15.10 20.18
N TRP D 117 -4.62 -16.39 20.41
CA TRP D 117 -5.28 -16.89 21.62
C TRP D 117 -4.49 -17.96 22.38
N ALA D 118 -4.92 -18.22 23.61
CA ALA D 118 -4.21 -19.09 24.52
C ALA D 118 -5.07 -20.30 24.94
N THR D 119 -4.47 -21.49 24.89
CA THR D 119 -5.10 -22.71 25.39
C THR D 119 -4.08 -23.57 26.14
N ARG D 120 -4.54 -24.30 27.16
CA ARG D 120 -3.67 -25.21 27.89
C ARG D 120 -3.12 -26.28 26.95
N LYS D 121 -1.81 -26.49 27.03
CA LYS D 121 -1.19 -27.59 26.34
C LYS D 121 -1.76 -28.87 26.93
N PRO D 122 -2.25 -29.78 26.09
CA PRO D 122 -2.77 -31.06 26.59
C PRO D 122 -1.70 -31.82 27.37
N GLY D 123 -2.07 -32.33 28.54
CA GLY D 123 -1.15 -33.14 29.35
C GLY D 123 -0.04 -32.33 29.97
N SER D 124 -0.33 -31.07 30.30
CA SER D 124 0.70 -30.13 30.71
C SER D 124 0.08 -28.93 31.41
N ASP D 125 0.90 -28.22 32.18
CA ASP D 125 0.57 -26.91 32.72
C ASP D 125 0.90 -25.80 31.77
N LYS D 126 1.66 -26.10 30.71
CA LYS D 126 2.06 -25.08 29.77
C LYS D 126 0.85 -24.58 29.02
N ILE D 127 0.94 -23.35 28.55
CA ILE D 127 -0.10 -22.73 27.77
C ILE D 127 0.43 -22.45 26.36
N ASN D 128 -0.22 -23.06 25.36
CA ASN D 128 -0.02 -22.71 23.96
C ASN D 128 -0.56 -21.31 23.63
N MET D 129 0.24 -20.56 22.87
CA MET D 129 0.01 -19.13 22.62
C MET D 129 0.61 -18.72 21.29
N GLY D 130 0.16 -17.56 20.81
CA GLY D 130 0.65 -17.01 19.56
C GLY D 130 1.84 -16.08 19.70
N CYS D 131 2.62 -16.05 18.62
CA CYS D 131 3.75 -15.16 18.42
C CYS D 131 4.01 -15.02 16.92
N ILE D 132 4.11 -13.78 16.45
CA ILE D 132 4.52 -13.52 15.08
C ILE D 132 5.65 -12.50 15.04
N THR D 133 6.50 -12.60 14.03
CA THR D 133 7.53 -11.59 13.82
C THR D 133 7.65 -11.14 12.36
N SER D 134 8.00 -9.88 12.19
CA SER D 134 8.10 -9.28 10.88
C SER D 134 9.25 -9.91 10.11
N LYS D 135 9.09 -9.99 8.79
CA LYS D 135 10.13 -10.53 7.93
C LYS D 135 11.15 -9.47 7.53
N THR D 136 10.80 -8.21 7.73
CA THR D 136 11.69 -7.06 7.53
C THR D 136 11.93 -6.40 8.87
N ARG D 137 13.14 -5.88 9.04
CA ARG D 137 13.52 -5.18 10.25
C ARG D 137 13.36 -3.67 10.07
N VAL D 138 13.24 -2.99 11.20
CA VAL D 138 13.11 -1.54 11.28
C VAL D 138 14.30 -0.97 12.06
N VAL D 139 14.54 0.31 11.87
CA VAL D 139 15.61 1.00 12.58
C VAL D 139 15.29 2.50 12.72
N TYR D 140 15.81 3.14 13.75
CA TYR D 140 15.65 4.58 13.94
C TYR D 140 16.13 5.28 12.66
N PRO D 141 15.58 6.45 12.32
CA PRO D 141 14.44 7.06 13.01
C PRO D 141 13.15 6.44 12.47
N VAL D 142 12.22 6.12 13.35
CA VAL D 142 11.02 5.42 12.95
C VAL D 142 9.91 5.58 13.99
N TYR D 143 8.68 5.77 13.51
CA TYR D 143 7.50 5.77 14.36
C TYR D 143 6.70 4.51 14.07
N ILE D 144 6.45 3.73 15.12
CA ILE D 144 5.70 2.47 15.00
C ILE D 144 4.56 2.48 15.98
N GLU D 145 3.36 2.19 15.50
CA GLU D 145 2.17 2.29 16.32
C GLU D 145 1.20 1.14 16.02
N ALA D 146 0.75 0.46 17.07
CA ALA D 146 -0.25 -0.58 16.94
C ALA D 146 -1.57 -0.16 17.57
N ARG D 147 -2.67 -0.43 16.87
CA ARG D 147 -4.01 -0.32 17.45
C ARG D 147 -4.38 -1.70 17.93
N ALA D 148 -4.47 -1.85 19.25
CA ALA D 148 -4.58 -3.17 19.87
C ALA D 148 -5.52 -3.15 21.07
N LYS D 149 -6.12 -4.30 21.37
CA LYS D 149 -6.97 -4.47 22.55
C LYS D 149 -6.33 -5.47 23.49
N VAL D 150 -5.78 -4.96 24.58
CA VAL D 150 -5.16 -5.76 25.61
C VAL D 150 -6.18 -6.80 26.13
N MET D 151 -5.71 -8.03 26.30
CA MET D 151 -6.52 -9.14 26.81
C MET D 151 -7.00 -8.92 28.24
N ASN D 152 -8.21 -9.39 28.52
CA ASN D 152 -8.71 -9.51 29.89
C ASN D 152 -8.15 -10.80 30.52
N SER D 153 -6.83 -10.81 30.72
CA SER D 153 -6.07 -12.00 31.11
C SER D 153 -4.83 -11.60 31.90
N THR D 154 -4.34 -12.53 32.74
CA THR D 154 -3.08 -12.35 33.48
C THR D 154 -1.87 -12.47 32.57
N LEU D 155 -2.06 -13.07 31.39
CA LEU D 155 -1.01 -13.13 30.38
C LEU D 155 -0.63 -11.73 29.89
N ALA D 156 0.59 -11.58 29.41
CA ALA D 156 1.05 -10.34 28.82
C ALA D 156 0.53 -10.22 27.40
N SER D 157 0.04 -9.03 27.04
CA SER D 157 -0.25 -8.69 25.65
C SER D 157 0.89 -7.76 25.20
N ASP D 158 1.62 -8.16 24.16
CA ASP D 158 2.88 -7.52 23.78
C ASP D 158 2.95 -7.11 22.33
N VAL D 159 3.45 -5.89 22.11
CA VAL D 159 3.96 -5.43 20.81
C VAL D 159 5.32 -4.85 21.11
N TRP D 160 6.35 -5.44 20.52
CA TRP D 160 7.71 -5.09 20.86
C TRP D 160 8.68 -5.25 19.71
N LEU D 161 9.90 -4.76 19.94
CA LEU D 161 10.98 -4.76 18.97
C LEU D 161 12.19 -5.45 19.59
N LEU D 162 12.91 -6.27 18.82
CA LEU D 162 14.06 -7.01 19.33
C LEU D 162 15.11 -7.19 18.23
N SER D 163 16.36 -6.87 18.56
CA SER D 163 17.47 -7.03 17.64
C SER D 163 17.75 -8.52 17.38
N ALA D 164 18.37 -8.79 16.24
CA ALA D 164 18.61 -10.17 15.81
C ALA D 164 19.43 -10.94 16.83
N ASP D 165 20.41 -10.28 17.45
CA ASP D 165 21.33 -10.92 18.40
C ASP D 165 20.84 -10.83 19.87
N ASP D 166 19.60 -10.38 20.06
CA ASP D 166 18.92 -10.38 21.35
C ASP D 166 19.50 -9.43 22.41
N THR D 167 20.32 -8.46 22.03
CA THR D 167 20.97 -7.55 22.99
C THR D 167 20.21 -6.27 23.24
N GLN D 168 19.26 -5.93 22.35
CA GLN D 168 18.55 -4.66 22.42
C GLN D 168 17.07 -4.84 22.10
N GLU D 169 16.23 -4.16 22.88
CA GLU D 169 14.79 -4.41 22.90
C GLU D 169 14.04 -3.13 23.18
N ILE D 170 12.95 -2.90 22.46
CA ILE D 170 12.05 -1.78 22.77
C ILE D 170 10.63 -2.31 22.92
N ASP D 171 10.03 -2.07 24.08
CA ASP D 171 8.68 -2.53 24.37
C ASP D 171 7.67 -1.40 24.18
N ILE D 172 6.89 -1.48 23.12
CA ILE D 172 5.90 -0.46 22.80
C ILE D 172 4.66 -0.65 23.67
N LEU D 173 4.25 -1.91 23.80
CA LEU D 173 3.12 -2.32 24.65
C LEU D 173 3.50 -3.61 25.38
N GLU D 174 3.47 -3.57 26.71
CA GLU D 174 3.52 -4.78 27.51
C GLU D 174 2.52 -4.59 28.64
N ALA D 175 1.41 -5.35 28.61
CA ALA D 175 0.30 -5.09 29.54
C ALA D 175 -0.39 -6.38 29.97
N TYR D 176 -0.74 -6.43 31.25
CA TYR D 176 -1.41 -7.57 31.87
C TYR D 176 -2.77 -7.09 32.27
N GLY D 177 -3.76 -7.36 31.42
CA GLY D 177 -5.01 -6.62 31.44
C GLY D 177 -6.18 -7.08 32.30
N ALA D 178 -6.03 -8.22 32.97
CA ALA D 178 -7.14 -8.81 33.72
C ALA D 178 -7.68 -7.91 34.81
N ASP D 179 -9.02 -7.81 34.90
CA ASP D 179 -9.68 -7.18 36.04
C ASP D 179 -9.38 -7.96 37.34
N TYR D 180 -9.41 -9.29 37.24
CA TYR D 180 -9.28 -10.18 38.39
C TYR D 180 -8.42 -11.39 38.05
N SER D 181 -7.67 -11.88 39.04
CA SER D 181 -6.86 -13.11 38.93
C SER D 181 -7.35 -14.18 39.92
N GLU D 182 -7.80 -15.33 39.43
CA GLU D 182 -8.20 -16.39 40.37
C GLU D 182 -7.04 -17.27 40.86
N SER D 183 -5.92 -17.29 40.16
CA SER D 183 -4.72 -17.96 40.67
C SER D 183 -4.18 -17.23 41.91
N ALA D 184 -4.32 -15.90 41.92
CA ALA D 184 -3.93 -15.07 43.05
C ALA D 184 -5.08 -14.89 44.05
N GLY D 185 -6.31 -15.11 43.58
CA GLY D 185 -7.49 -14.98 44.41
C GLY D 185 -7.75 -13.55 44.81
N LYS D 186 -7.51 -12.62 43.89
CA LYS D 186 -7.68 -11.19 44.20
C LYS D 186 -7.87 -10.29 42.99
N ASP D 187 -8.23 -9.06 43.31
CA ASP D 187 -8.30 -7.97 42.38
C ASP D 187 -6.99 -7.78 41.62
N HIS D 188 -7.10 -7.54 40.31
CA HIS D 188 -5.95 -7.44 39.42
C HIS D 188 -5.81 -5.99 38.86
N SER D 189 -6.48 -5.04 39.50
CA SER D 189 -6.56 -3.65 38.99
C SER D 189 -5.22 -2.92 39.03
N TYR D 190 -4.36 -3.32 39.96
CA TYR D 190 -2.99 -2.82 40.01
C TYR D 190 -2.38 -2.93 38.59
N PHE D 191 -2.64 -4.04 37.92
CA PHE D 191 -2.08 -4.30 36.60
C PHE D 191 -2.99 -3.93 35.43
N SER D 192 -4.30 -4.03 35.63
CA SER D 192 -5.26 -3.80 34.55
C SER D 192 -5.30 -2.34 34.06
N LYS D 193 -4.75 -1.45 34.87
CA LYS D 193 -4.71 -0.02 34.61
C LYS D 193 -3.29 0.45 34.28
N LYS D 194 -2.38 -0.50 34.06
CA LYS D 194 -1.00 -0.17 33.75
C LYS D 194 -0.61 -0.72 32.41
N VAL D 195 0.12 0.12 31.68
CA VAL D 195 0.83 -0.27 30.48
C VAL D 195 2.33 -0.12 30.74
N HIS D 196 3.07 -1.21 30.60
CA HIS D 196 4.52 -1.17 30.71
C HIS D 196 5.14 -0.71 29.40
N ILE D 197 5.85 0.41 29.44
CA ILE D 197 6.53 0.98 28.28
C ILE D 197 8.00 1.14 28.67
N SER D 198 8.86 0.47 27.91
CA SER D 198 10.22 0.26 28.35
C SER D 198 11.13 -0.11 27.21
N HIS D 199 12.37 -0.42 27.58
CA HIS D 199 13.39 -0.87 26.65
C HIS D 199 14.39 -1.68 27.46
N HIS D 200 15.03 -2.68 26.85
CA HIS D 200 16.09 -3.44 27.52
C HIS D 200 17.39 -3.37 26.73
N VAL D 201 18.50 -3.38 27.43
CA VAL D 201 19.79 -3.75 26.82
C VAL D 201 20.41 -4.88 27.63
N PHE D 202 21.03 -5.83 26.94
CA PHE D 202 21.51 -7.05 27.58
C PHE D 202 22.98 -7.24 27.28
N ILE D 203 23.69 -7.87 28.21
CA ILE D 203 24.93 -8.56 27.89
C ILE D 203 24.60 -10.04 27.93
N ARG D 204 24.93 -10.78 26.88
CA ARG D 204 24.54 -12.19 26.78
C ARG D 204 25.36 -13.16 27.65
N ASP D 205 26.64 -12.86 27.85
CA ASP D 205 27.55 -13.74 28.59
C ASP D 205 28.69 -12.93 29.23
N PRO D 206 28.68 -12.75 30.55
CA PRO D 206 27.63 -13.25 31.46
C PRO D 206 26.29 -12.52 31.27
N PHE D 207 25.17 -13.20 31.54
CA PHE D 207 23.87 -12.58 31.33
C PHE D 207 23.55 -11.47 32.32
N GLN D 208 23.22 -10.31 31.76
CA GLN D 208 22.88 -9.11 32.52
C GLN D 208 21.77 -8.36 31.76
N ASP D 209 20.85 -7.76 32.49
CA ASP D 209 19.64 -7.19 31.89
C ASP D 209 19.39 -5.84 32.54
N TYR D 210 19.35 -4.77 31.73
CA TYR D 210 19.00 -3.44 32.26
C TYR D 210 17.75 -2.91 31.57
N GLN D 211 16.81 -2.43 32.38
CA GLN D 211 15.74 -1.58 31.89
C GLN D 211 15.53 -0.45 32.90
N PRO D 212 14.93 0.65 32.46
CA PRO D 212 14.47 1.68 33.40
C PRO D 212 13.42 1.08 34.33
N LYS D 213 13.50 1.42 35.61
CA LYS D 213 12.60 0.90 36.64
C LYS D 213 11.78 1.99 37.33
N ASP D 214 11.95 3.24 36.95
CA ASP D 214 11.19 4.33 37.55
C ASP D 214 9.69 4.15 37.28
N ALA D 215 8.88 4.85 38.06
CA ALA D 215 7.44 4.63 38.11
C ALA D 215 6.78 5.00 36.80
N GLY D 216 7.33 5.98 36.09
CA GLY D 216 6.80 6.39 34.80
C GLY D 216 6.84 5.33 33.71
N SER D 217 7.64 4.29 33.90
CA SER D 217 7.68 3.16 32.95
C SER D 217 6.41 2.30 32.99
N TRP D 218 5.55 2.55 33.98
CA TRP D 218 4.20 1.98 34.00
C TRP D 218 3.18 3.10 33.91
N PHE D 219 2.65 3.33 32.72
CA PHE D 219 1.66 4.38 32.51
C PHE D 219 0.29 3.99 33.01
N GLU D 220 -0.33 4.92 33.71
CA GLU D 220 -1.59 4.71 34.36
C GLU D 220 -2.29 6.07 34.38
N ASP D 221 -3.51 6.11 33.84
CA ASP D 221 -4.34 7.32 33.93
C ASP D 221 -5.79 7.02 34.36
N GLY D 222 -6.05 5.79 34.84
CA GLY D 222 -7.40 5.38 35.24
C GLY D 222 -8.13 4.57 34.18
N THR D 223 -7.61 4.56 32.95
CA THR D 223 -8.17 3.74 31.90
C THR D 223 -7.94 2.25 32.24
N VAL D 224 -8.97 1.43 32.05
CA VAL D 224 -8.83 -0.02 32.04
C VAL D 224 -8.58 -0.45 30.59
N TRP D 225 -7.38 -0.95 30.32
CA TRP D 225 -6.94 -1.11 28.92
C TRP D 225 -7.66 -2.21 28.14
N ASN D 226 -8.25 -3.18 28.82
CA ASN D 226 -8.92 -4.31 28.15
C ASN D 226 -10.29 -4.03 27.52
N LYS D 227 -10.86 -2.86 27.82
CA LYS D 227 -12.22 -2.54 27.39
C LYS D 227 -12.31 -2.09 25.95
N GLU D 228 -11.25 -1.50 25.43
CA GLU D 228 -11.24 -0.92 24.08
C GLU D 228 -9.93 -1.14 23.38
N PHE D 229 -9.95 -1.02 22.05
CA PHE D 229 -8.74 -0.82 21.27
C PHE D 229 -8.16 0.54 21.58
N HIS D 230 -6.85 0.58 21.77
CA HIS D 230 -6.11 1.83 21.93
C HIS D 230 -4.92 1.82 20.99
N ARG D 231 -4.33 2.98 20.75
CA ARG D 231 -3.12 3.06 19.97
C ARG D 231 -1.91 3.17 20.87
N PHE D 232 -0.93 2.31 20.64
CA PHE D 232 0.31 2.34 21.38
C PHE D 232 1.44 2.49 20.40
N GLY D 233 2.23 3.54 20.57
CA GLY D 233 3.31 3.85 19.66
C GLY D 233 4.61 4.29 20.30
N VAL D 234 5.67 4.18 19.50
CA VAL D 234 6.98 4.67 19.91
C VAL D 234 7.63 5.42 18.75
N TYR D 235 8.17 6.59 19.06
CA TYR D 235 9.13 7.24 18.19
C TYR D 235 10.54 6.88 18.66
N TRP D 236 11.13 5.90 17.98
CA TRP D 236 12.53 5.55 18.14
C TRP D 236 13.31 6.51 17.23
N ARG D 237 13.66 7.66 17.79
CA ARG D 237 14.26 8.73 17.00
C ARG D 237 15.73 8.45 16.67
N ASP D 238 16.48 8.04 17.69
CA ASP D 238 17.89 7.73 17.54
C ASP D 238 18.26 6.80 18.70
N PRO D 239 19.50 6.32 18.76
CA PRO D 239 19.89 5.34 19.78
C PRO D 239 19.75 5.79 21.24
N TRP D 240 19.52 7.07 21.45
CA TRP D 240 19.49 7.65 22.77
C TRP D 240 18.18 8.39 23.05
N HIS D 241 17.14 8.14 22.27
CA HIS D 241 15.91 8.90 22.43
C HIS D 241 14.67 8.15 21.99
N LEU D 242 13.77 7.87 22.96
CA LEU D 242 12.49 7.22 22.72
C LEU D 242 11.35 8.09 23.23
N GLU D 243 10.26 8.17 22.48
CA GLU D 243 9.02 8.82 22.92
C GLU D 243 7.87 7.85 22.74
N TYR D 244 7.09 7.64 23.79
CA TYR D 244 5.95 6.74 23.77
C TYR D 244 4.64 7.54 23.66
N TYR D 245 3.76 7.09 22.79
CA TYR D 245 2.48 7.74 22.57
C TYR D 245 1.34 6.75 22.75
N ILE D 246 0.36 7.15 23.54
CA ILE D 246 -0.87 6.39 23.69
C ILE D 246 -2.05 7.25 23.24
N ASP D 247 -2.85 6.71 22.33
CA ASP D 247 -3.96 7.42 21.69
C ASP D 247 -3.58 8.81 21.21
N GLY D 248 -2.38 8.91 20.63
CA GLY D 248 -1.93 10.13 20.01
C GLY D 248 -1.27 11.14 20.94
N VAL D 249 -1.15 10.78 22.21
CA VAL D 249 -0.71 11.69 23.27
C VAL D 249 0.63 11.20 23.81
N LEU D 250 1.61 12.12 23.89
CA LEU D 250 2.92 11.83 24.45
C LEU D 250 2.69 11.51 25.91
N VAL D 251 3.07 10.31 26.34
CA VAL D 251 2.98 9.97 27.76
C VAL D 251 4.34 9.82 28.45
N ARG D 252 5.43 9.67 27.68
CA ARG D 252 6.75 9.44 28.27
C ARG D 252 7.88 9.65 27.29
N THR D 253 8.98 10.25 27.77
CA THR D 253 10.19 10.44 27.02
C THR D 253 11.40 9.86 27.77
N VAL D 254 12.12 8.97 27.09
CA VAL D 254 13.27 8.28 27.64
C VAL D 254 14.46 8.74 26.81
N SER D 255 15.24 9.65 27.37
CA SER D 255 16.24 10.33 26.60
C SER D 255 17.56 10.46 27.36
N GLY D 256 18.64 10.16 26.65
CA GLY D 256 19.97 10.42 27.15
C GLY D 256 20.68 9.16 27.61
N LYS D 257 21.99 9.31 27.69
CA LYS D 257 22.92 8.22 27.98
C LYS D 257 22.69 7.60 29.36
N ASP D 258 22.30 8.42 30.34
CA ASP D 258 22.18 7.95 31.73
C ASP D 258 20.90 7.17 32.02
N ILE D 259 19.85 7.33 31.20
CA ILE D 259 18.63 6.51 31.38
C ILE D 259 18.53 5.34 30.40
N ILE D 260 19.14 5.45 29.23
CA ILE D 260 19.09 4.40 28.22
C ILE D 260 20.06 3.29 28.53
N ASP D 261 21.28 3.65 28.94
CA ASP D 261 22.33 2.64 29.23
C ASP D 261 23.39 3.13 30.25
N PRO D 262 22.96 3.42 31.47
CA PRO D 262 23.88 3.85 32.53
C PRO D 262 24.98 2.83 32.92
N LYS D 263 24.77 1.56 32.64
CA LYS D 263 25.70 0.53 33.02
C LYS D 263 26.68 0.14 31.89
N HIS D 264 26.57 0.82 30.75
CA HIS D 264 27.47 0.63 29.60
C HIS D 264 27.41 -0.79 29.08
N PHE D 265 26.20 -1.34 29.05
CA PHE D 265 25.96 -2.66 28.48
C PHE D 265 26.10 -2.66 26.95
N THR D 266 25.96 -1.49 26.33
CA THR D 266 26.16 -1.36 24.88
C THR D 266 27.55 -0.84 24.48
N ASN D 267 28.50 -0.84 25.41
CA ASN D 267 29.91 -0.61 25.04
C ASN D 267 30.31 -1.61 23.97
N THR D 268 30.97 -1.15 22.91
CA THR D 268 31.53 -2.05 21.89
C THR D 268 32.84 -2.66 22.36
N THR D 269 33.56 -1.98 23.25
CA THR D 269 34.76 -2.57 23.85
C THR D 269 34.54 -2.67 25.35
N ASP D 270 34.82 -3.84 25.92
CA ASP D 270 34.70 -4.11 27.37
C ASP D 270 33.34 -3.73 27.92
N PRO D 271 32.35 -4.58 27.69
CA PRO D 271 30.98 -4.35 28.17
C PRO D 271 30.89 -4.25 29.69
N GLY D 272 30.11 -3.29 30.19
CA GLY D 272 29.87 -3.14 31.62
C GLY D 272 30.89 -2.28 32.33
N ASN D 273 31.93 -1.85 31.61
CA ASN D 273 32.95 -1.00 32.17
C ASN D 273 32.54 0.47 32.03
N THR D 274 32.03 1.04 33.12
CA THR D 274 31.54 2.42 33.12
C THR D 274 32.65 3.48 33.13
N GLU D 275 33.89 3.05 33.30
CA GLU D 275 35.06 3.95 33.20
C GLU D 275 35.46 4.22 31.75
N ILE D 276 35.04 3.35 30.84
CA ILE D 276 35.27 3.53 29.40
C ILE D 276 33.94 3.63 28.62
N ASP D 277 33.78 4.72 27.88
CA ASP D 277 32.56 4.95 27.15
C ASP D 277 32.72 4.71 25.65
N THR D 278 32.30 3.52 25.22
CA THR D 278 32.05 3.24 23.80
C THR D 278 30.61 2.77 23.56
N ARG D 279 29.66 3.31 24.31
CA ARG D 279 28.26 2.91 24.17
C ARG D 279 27.73 3.30 22.81
N THR D 280 26.88 2.43 22.25
CA THR D 280 26.11 2.69 21.02
C THR D 280 24.65 3.10 21.26
N GLY D 281 24.12 2.81 22.43
CA GLY D 281 22.70 2.97 22.68
C GLY D 281 21.89 1.97 21.88
N LEU D 282 20.61 2.30 21.66
CA LEU D 282 19.71 1.49 20.83
C LEU D 282 19.89 1.70 19.32
N ASN D 283 20.94 1.12 18.75
CA ASN D 283 21.31 1.38 17.36
C ASN D 283 21.09 0.21 16.41
N LYS D 284 20.80 -0.97 16.93
CA LYS D 284 20.69 -2.14 16.06
C LYS D 284 19.30 -2.23 15.47
N GLU D 285 19.23 -2.65 14.21
CA GLU D 285 17.95 -2.93 13.55
C GLU D 285 17.21 -3.97 14.35
N MET D 286 15.87 -3.94 14.31
CA MET D 286 15.06 -4.83 15.13
C MET D 286 13.87 -5.46 14.37
N ASP D 287 13.57 -6.70 14.75
CA ASP D 287 12.36 -7.39 14.35
C ASP D 287 11.21 -6.82 15.14
N ILE D 288 10.06 -6.69 14.48
CA ILE D 288 8.81 -6.41 15.16
C ILE D 288 8.21 -7.75 15.61
N ILE D 289 7.81 -7.82 16.87
CA ILE D 289 7.20 -9.02 17.40
C ILE D 289 5.88 -8.68 18.07
N ILE D 290 4.85 -9.47 17.80
CA ILE D 290 3.57 -9.35 18.47
C ILE D 290 3.23 -10.73 19.03
N ASN D 291 3.04 -10.77 20.35
CA ASN D 291 2.77 -12.03 21.01
C ASN D 291 1.94 -11.87 22.27
N THR D 292 1.63 -13.00 22.91
CA THR D 292 1.26 -12.99 24.31
C THR D 292 2.28 -13.89 25.00
N GLU D 293 2.41 -13.72 26.32
CA GLU D 293 3.40 -14.46 27.09
C GLU D 293 2.92 -14.71 28.51
N ASP D 294 3.17 -15.92 28.99
CA ASP D 294 3.25 -16.17 30.43
C ASP D 294 4.70 -16.00 30.86
N GLN D 295 4.94 -15.06 31.76
CA GLN D 295 6.29 -14.70 32.16
C GLN D 295 6.57 -15.32 33.52
N THR D 296 7.80 -15.80 33.70
CA THR D 296 8.19 -16.53 34.89
C THR D 296 7.93 -15.77 36.18
N TRP D 297 8.25 -14.48 36.21
CA TRP D 297 8.02 -13.70 37.42
C TRP D 297 6.55 -13.69 37.83
N ARG D 298 5.64 -14.06 36.92
CA ARG D 298 4.21 -14.14 37.23
C ARG D 298 3.67 -15.52 37.56
N SER D 299 4.07 -16.55 36.83
CA SER D 299 3.59 -17.91 37.07
C SER D 299 4.41 -18.64 38.14
N SER D 300 5.66 -18.22 38.35
CA SER D 300 6.40 -18.61 39.56
C SER D 300 7.17 -17.44 40.16
N PRO D 301 6.48 -16.63 40.95
CA PRO D 301 7.12 -15.44 41.53
C PRO D 301 8.24 -15.82 42.51
N ALA D 302 9.25 -14.97 42.57
CA ALA D 302 10.37 -15.14 43.49
C ALA D 302 9.91 -15.36 44.94
N SER D 303 8.81 -14.72 45.31
CA SER D 303 8.23 -14.82 46.64
C SER D 303 7.78 -16.22 47.04
N GLY D 304 7.42 -17.04 46.04
CA GLY D 304 6.90 -18.38 46.23
C GLY D 304 5.42 -18.41 46.62
N LEU D 305 4.79 -17.24 46.66
CA LEU D 305 3.46 -17.12 47.23
C LEU D 305 2.36 -17.16 46.18
N GLN D 306 1.28 -17.87 46.51
CA GLN D 306 0.13 -17.99 45.63
C GLN D 306 -0.54 -16.63 45.41
N SER D 307 -0.42 -15.75 46.40
CA SER D 307 -1.02 -14.42 46.32
C SER D 307 -0.29 -13.44 45.40
N ASN D 308 0.95 -13.73 45.03
CA ASN D 308 1.66 -13.00 43.96
C ASN D 308 1.75 -13.80 42.65
N THR D 309 0.94 -14.86 42.51
CA THR D 309 0.98 -15.74 41.35
C THR D 309 -0.16 -15.38 40.40
N TYR D 310 0.20 -14.83 39.24
CA TYR D 310 -0.75 -14.31 38.26
C TYR D 310 -0.61 -15.03 36.91
N THR D 311 -1.42 -16.08 36.75
CA THR D 311 -1.44 -16.90 35.55
C THR D 311 -2.83 -17.56 35.39
N PRO D 312 -3.26 -17.79 34.15
CA PRO D 312 -4.63 -18.29 33.91
C PRO D 312 -4.90 -19.68 34.49
N THR D 313 -5.98 -19.80 35.27
CA THR D 313 -6.55 -21.09 35.63
C THR D 313 -7.28 -21.64 34.42
N ASP D 314 -7.64 -22.91 34.48
CA ASP D 314 -8.42 -23.56 33.44
C ASP D 314 -9.81 -22.95 33.27
N ASN D 315 -10.44 -22.63 34.37
CA ASN D 315 -11.73 -21.96 34.33
C ASN D 315 -11.62 -20.64 33.55
N GLU D 316 -10.60 -19.86 33.89
CA GLU D 316 -10.29 -18.59 33.21
C GLU D 316 -10.03 -18.74 31.70
N LEU D 317 -9.37 -19.83 31.31
CA LEU D 317 -9.06 -20.10 29.90
C LEU D 317 -10.29 -20.50 29.09
N SER D 318 -11.33 -20.98 29.75
CA SER D 318 -12.55 -21.42 29.06
C SER D 318 -13.34 -20.24 28.44
N ASN D 319 -13.09 -19.01 28.91
CA ASN D 319 -13.52 -17.79 28.22
C ASN D 319 -12.42 -17.42 27.22
N ILE D 320 -12.63 -17.80 25.97
CA ILE D 320 -11.66 -17.63 24.91
C ILE D 320 -11.43 -16.14 24.61
N GLU D 321 -12.51 -15.35 24.67
CA GLU D 321 -12.44 -13.92 24.34
C GLU D 321 -11.55 -13.15 25.35
N ASN D 322 -11.63 -13.48 26.63
CA ASN D 322 -10.71 -12.96 27.66
C ASN D 322 -9.21 -13.20 27.36
N ASN D 323 -8.94 -14.31 26.68
CA ASN D 323 -7.58 -14.70 26.31
C ASN D 323 -7.30 -14.61 24.80
N THR D 324 -7.99 -13.73 24.11
CA THR D 324 -7.71 -13.45 22.71
C THR D 324 -7.17 -12.02 22.57
N PHE D 325 -5.94 -11.89 22.08
CA PHE D 325 -5.29 -10.59 21.84
C PHE D 325 -5.59 -10.20 20.40
N GLY D 326 -6.16 -9.01 20.23
CA GLY D 326 -6.50 -8.47 18.91
C GLY D 326 -5.67 -7.24 18.56
N VAL D 327 -5.14 -7.23 17.33
CA VAL D 327 -4.43 -6.07 16.78
C VAL D 327 -5.12 -5.70 15.47
N ASP D 328 -5.78 -4.55 15.46
CA ASP D 328 -6.48 -4.05 14.27
C ASP D 328 -5.46 -3.69 13.18
N TRP D 329 -4.42 -2.95 13.56
CA TRP D 329 -3.36 -2.61 12.64
C TRP D 329 -2.09 -2.22 13.34
N ILE D 330 -1.01 -2.25 12.58
CA ILE D 330 0.29 -1.73 12.97
C ILE D 330 0.85 -0.91 11.80
N ARG D 331 1.15 0.35 12.05
CA ARG D 331 1.66 1.25 11.01
C ARG D 331 3.02 1.82 11.38
N ILE D 332 3.86 1.96 10.35
CA ILE D 332 5.25 2.33 10.50
C ILE D 332 5.53 3.49 9.56
N TYR D 333 6.10 4.56 10.11
CA TYR D 333 6.45 5.74 9.33
C TYR D 333 7.91 6.08 9.53
N LYS D 334 8.52 6.62 8.48
CA LYS D 334 9.89 7.10 8.54
C LYS D 334 9.88 8.60 8.23
N PRO D 335 10.69 9.39 8.92
CA PRO D 335 10.79 10.82 8.57
C PRO D 335 11.67 11.00 7.33
N VAL D 336 11.16 11.71 6.31
CA VAL D 336 11.93 12.03 5.10
C VAL D 336 11.90 13.52 4.75
N GLU D 337 12.95 13.96 4.04
CA GLU D 337 13.11 15.35 3.61
C GLU D 337 11.94 15.80 2.74
N LYS D 338 11.34 16.93 3.10
CA LYS D 338 10.32 17.57 2.27
C LYS D 338 10.98 18.07 0.99
N LEU D 339 10.27 17.97 -0.14
CA LEU D 339 10.80 18.43 -1.44
C LEU D 339 10.04 19.66 -1.95
NA NA E . -2.11 18.98 -10.77
NA NA F . -17.13 23.91 -18.26
N1 EPE G . -2.46 -1.64 -27.73
C2 EPE G . -2.05 -1.78 -26.31
C3 EPE G . -2.97 -0.98 -25.39
N4 EPE G . -3.19 0.36 -25.90
C5 EPE G . -3.93 0.33 -27.15
C6 EPE G . -3.74 -0.94 -27.97
C7 EPE G . -3.84 1.19 -24.91
C8 EPE G . -3.94 2.66 -25.30
O8 EPE G . -5.13 2.89 -26.04
C9 EPE G . -1.39 -1.24 -28.66
C10 EPE G . -1.69 -1.76 -30.07
S EPE G . -0.31 -2.65 -30.84
O1S EPE G . -0.31 -4.02 -30.32
O2S EPE G . 0.95 -2.00 -30.50
O3S EPE G . -0.43 -2.59 -32.30
MG MG H . -62.11 -11.02 -6.52
NA NA I . -56.05 -16.94 -27.30
NA NA J . -59.33 -22.71 -18.53
N1 EPE K . -38.58 -24.15 -9.14
C2 EPE K . -38.93 -22.84 -8.60
C3 EPE K . -40.10 -22.26 -9.39
N4 EPE K . -39.84 -22.16 -10.83
C5 EPE K . -39.26 -23.38 -11.37
C6 EPE K . -38.14 -24.00 -10.54
C7 EPE K . -41.06 -21.84 -11.57
C8 EPE K . -41.52 -20.40 -11.42
O8 EPE K . -40.63 -19.69 -10.59
C9 EPE K . -37.53 -24.80 -8.35
C10 EPE K . -38.02 -26.19 -7.96
S EPE K . -37.94 -26.56 -6.19
O1S EPE K . -39.29 -26.85 -5.72
O2S EPE K . -37.38 -25.42 -5.46
O3S EPE K . -37.06 -27.71 -6.03
MG MG L . 63.22 20.91 -4.94
NA NA M . 46.81 30.69 26.32
NA NA N . 61.21 11.10 22.71
N1 EPE O . 47.80 11.02 8.98
C2 EPE O . 46.53 11.61 8.57
C3 EPE O . 46.26 12.78 9.49
N4 EPE O . 46.17 12.40 10.90
C5 EPE O . 47.11 11.36 11.33
C6 EPE O . 47.56 10.36 10.27
C7 EPE O . 46.30 13.55 11.78
C8 EPE O . 45.77 14.91 11.29
O8 EPE O . 44.52 14.78 10.67
C9 EPE O . 48.20 10.00 8.00
C10 EPE O . 48.43 10.64 6.63
S EPE O . 49.75 9.81 5.74
O1S EPE O . 49.67 10.19 4.31
O2S EPE O . 49.62 8.37 5.94
O3S EPE O . 51.00 10.28 6.28
NA NA P . -7.54 -3.92 10.58
N1 EPE Q . 11.02 -11.67 27.89
C2 EPE Q . 10.58 -11.95 26.52
C3 EPE Q . 10.00 -10.66 25.94
N4 EPE Q . 8.90 -10.20 26.75
C5 EPE Q . 9.38 -9.87 28.07
C6 EPE Q . 9.91 -11.14 28.72
C7 EPE Q . 8.09 -9.20 26.07
C8 EPE Q . 8.40 -7.77 26.41
O8 EPE Q . 7.25 -7.06 26.05
C9 EPE Q . 11.58 -12.89 28.48
C10 EPE Q . 12.53 -12.52 29.60
S EPE Q . 12.50 -13.79 30.88
O1S EPE Q . 12.92 -15.03 30.22
O2S EPE Q . 11.13 -13.91 31.44
O3S EPE Q . 13.45 -13.41 31.94
#